data_7XWN
#
_entry.id   7XWN
#
_cell.length_a   84.456
_cell.length_b   64.602
_cell.length_c   88.457
_cell.angle_alpha   90.000
_cell.angle_beta   106.830
_cell.angle_gamma   90.000
#
_symmetry.space_group_name_H-M   'P 1 21 1'
#
loop_
_entity.id
_entity.type
_entity.pdbx_description
1 polymer 'Short-chain dehydrogenase/reductase'
2 non-polymer 'NADPH DIHYDRO-NICOTINAMIDE-ADENINE-DINUCLEOTIDE PHOSPHATE'
3 non-polymer (4~{S})-4-oxidanyl-4,6-dihydrofuro[3,2-c]pyran-2-one
4 water water
#
_entity_poly.entity_id   1
_entity_poly.type   'polypeptide(L)'
_entity_poly.pdbx_seq_one_letter_code
;MEQTYFISGANRGIGFSVVQRLAAKSGVKVIATARDPASATALNELAKENPQVKVVQLDISDEESIKKIAKNVSQYTDSI
DVFVSNAAIAKSFGPLLNTPREQWIEHFFTNVLGPIRLFQELYPLIKKGTQKKVFFISSNAGSLNLDFGLDFSAFGQSKA
ALNYSTKELARQLKPENFIVAAVHPGKVTTDMGKGGERAFTAVDEVSAKKFFTPETKITPEESAAALCKLFESLNTTGKY
LSYDGTELPW
;
_entity_poly.pdbx_strand_id   A,B,C,D
#
# COMPACT_ATOMS: atom_id res chain seq x y z
N GLU A 2 33.35 -18.64 10.35
CA GLU A 2 33.12 -17.40 11.14
C GLU A 2 32.41 -16.36 10.28
N GLN A 3 31.56 -15.62 10.94
CA GLN A 3 30.74 -14.51 10.40
C GLN A 3 31.19 -13.20 11.07
N THR A 4 31.27 -12.13 10.27
CA THR A 4 31.54 -10.74 10.70
C THR A 4 30.26 -9.94 10.50
N TYR A 5 29.87 -9.23 11.55
CA TYR A 5 28.77 -8.25 11.58
C TYR A 5 29.37 -6.87 11.72
N PHE A 6 28.82 -5.93 10.96
CA PHE A 6 29.02 -4.47 11.08
C PHE A 6 27.75 -3.87 11.65
N ILE A 7 27.87 -3.23 12.81
CA ILE A 7 26.81 -2.39 13.45
C ILE A 7 27.27 -0.94 13.61
N SER A 8 26.58 0.03 13.00
CA SER A 8 26.77 1.48 13.28
C SER A 8 26.05 1.86 14.58
N GLY A 9 26.61 2.80 15.33
CA GLY A 9 25.95 3.36 16.51
C GLY A 9 25.75 2.30 17.58
N ALA A 10 26.85 1.72 18.03
CA ALA A 10 26.89 0.57 18.95
C ALA A 10 27.17 0.99 20.40
N ASN A 11 27.35 2.29 20.63
CA ASN A 11 27.82 2.82 21.94
C ASN A 11 26.66 2.81 22.95
N ARG A 12 25.43 2.70 22.45
CA ARG A 12 24.22 2.71 23.30
C ARG A 12 22.97 2.35 22.48
N GLY A 13 21.85 2.21 23.18
CA GLY A 13 20.57 1.89 22.55
C GLY A 13 20.53 0.50 21.99
N ILE A 14 19.69 0.32 20.97
CA ILE A 14 19.53 -0.94 20.24
C ILE A 14 20.91 -1.42 19.79
N GLY A 15 21.73 -0.53 19.20
CA GLY A 15 23.06 -0.89 18.65
C GLY A 15 23.95 -1.62 19.64
N PHE A 16 24.19 -1.02 20.80
CA PHE A 16 24.89 -1.65 21.94
C PHE A 16 24.27 -3.01 22.30
N SER A 17 22.94 -3.09 22.38
CA SER A 17 22.26 -4.33 22.82
C SER A 17 22.52 -5.37 21.73
N VAL A 18 22.52 -4.95 20.46
CA VAL A 18 22.78 -5.87 19.31
C VAL A 18 24.24 -6.36 19.39
N VAL A 19 25.20 -5.46 19.55
CA VAL A 19 26.61 -5.87 19.73
C VAL A 19 26.74 -6.80 20.95
N GLN A 20 26.16 -6.42 22.09
CA GLN A 20 26.18 -7.23 23.34
C GLN A 20 25.59 -8.61 23.01
N ARG A 21 24.47 -8.67 22.29
CA ARG A 21 23.87 -9.97 21.88
C ARG A 21 24.83 -10.77 20.98
N LEU A 22 25.44 -10.14 19.96
CA LEU A 22 26.34 -10.85 19.02
C LEU A 22 27.62 -11.30 19.74
N ALA A 23 28.15 -10.49 20.66
CA ALA A 23 29.38 -10.81 21.43
C ALA A 23 29.26 -12.17 22.15
N ALA A 24 28.07 -12.55 22.63
CA ALA A 24 27.81 -13.83 23.33
C ALA A 24 27.88 -15.02 22.36
N LYS A 25 27.34 -14.87 21.14
CA LYS A 25 27.41 -15.92 20.09
C LYS A 25 28.89 -16.26 19.85
N SER A 26 29.20 -17.53 19.62
CA SER A 26 30.54 -17.99 19.22
C SER A 26 30.72 -17.80 17.71
N GLY A 27 31.94 -17.44 17.30
CA GLY A 27 32.31 -17.33 15.87
C GLY A 27 31.61 -16.16 15.20
N VAL A 28 31.30 -15.11 15.95
CA VAL A 28 30.77 -13.84 15.38
C VAL A 28 31.73 -12.71 15.75
N LYS A 29 32.65 -12.37 14.85
CA LYS A 29 33.38 -11.08 14.93
C LYS A 29 32.36 -9.95 14.71
N VAL A 30 32.43 -8.90 15.52
CA VAL A 30 31.57 -7.68 15.43
C VAL A 30 32.42 -6.41 15.27
N ILE A 31 32.26 -5.70 14.15
CA ILE A 31 32.77 -4.31 13.98
C ILE A 31 31.67 -3.38 14.49
N ALA A 32 31.93 -2.72 15.61
CA ALA A 32 31.00 -1.81 16.33
C ALA A 32 31.50 -0.38 16.17
N THR A 33 30.64 0.56 15.74
CA THR A 33 31.05 1.96 15.54
C THR A 33 30.45 2.87 16.60
N ALA A 34 31.19 3.93 16.94
CA ALA A 34 30.71 5.06 17.75
C ALA A 34 31.29 6.34 17.15
N ARG A 35 30.53 7.44 17.15
CA ARG A 35 31.05 8.80 16.86
C ARG A 35 32.27 9.07 17.74
N ASP A 36 32.16 8.76 19.03
CA ASP A 36 33.24 9.08 19.98
C ASP A 36 33.57 7.83 20.79
N PRO A 37 34.41 6.92 20.26
CA PRO A 37 34.72 5.69 20.98
C PRO A 37 35.23 6.03 22.40
N ALA A 38 36.14 7.01 22.54
CA ALA A 38 36.85 7.27 23.83
C ALA A 38 35.79 7.39 24.94
N SER A 39 34.61 7.88 24.63
CA SER A 39 33.55 8.07 25.66
C SER A 39 32.59 6.86 25.70
N ALA A 40 32.83 5.81 24.93
CA ALA A 40 31.86 4.70 24.77
C ALA A 40 32.06 3.65 25.86
N THR A 41 31.93 4.03 27.14
CA THR A 41 32.34 3.23 28.33
C THR A 41 31.89 1.77 28.19
N ALA A 42 30.59 1.51 28.14
CA ALA A 42 30.05 0.12 28.14
C ALA A 42 30.54 -0.68 26.91
N LEU A 43 30.53 -0.05 25.72
CA LEU A 43 31.01 -0.69 24.47
C LEU A 43 32.47 -1.06 24.68
N ASN A 44 33.29 -0.15 25.22
CA ASN A 44 34.75 -0.38 25.36
C ASN A 44 35.00 -1.54 26.32
N GLU A 45 34.25 -1.59 27.42
CA GLU A 45 34.32 -2.67 28.45
C GLU A 45 33.96 -4.03 27.82
N LEU A 46 32.89 -4.07 27.02
CA LEU A 46 32.49 -5.25 26.20
C LEU A 46 33.68 -5.70 25.34
N ALA A 47 34.32 -4.78 24.64
CA ALA A 47 35.45 -5.07 23.73
C ALA A 47 36.66 -5.53 24.55
N LYS A 48 36.84 -4.99 25.75
CA LYS A 48 37.97 -5.39 26.62
C LYS A 48 37.82 -6.88 26.99
N GLU A 49 36.61 -7.31 27.31
CA GLU A 49 36.25 -8.70 27.71
C GLU A 49 36.16 -9.60 26.47
N ASN A 50 35.49 -9.13 25.41
CA ASN A 50 35.18 -9.96 24.21
C ASN A 50 35.96 -9.36 23.05
N PRO A 51 37.17 -9.86 22.76
CA PRO A 51 37.97 -9.32 21.67
C PRO A 51 37.40 -9.62 20.27
N GLN A 52 36.39 -10.50 20.13
CA GLN A 52 35.54 -10.65 18.91
C GLN A 52 35.04 -9.26 18.50
N VAL A 53 34.84 -8.35 19.48
CA VAL A 53 34.24 -7.00 19.30
C VAL A 53 35.35 -5.96 19.05
N LYS A 54 35.35 -5.41 17.85
CA LYS A 54 36.31 -4.38 17.39
C LYS A 54 35.54 -3.08 17.32
N VAL A 55 36.08 -2.03 17.93
CA VAL A 55 35.43 -0.69 17.98
C VAL A 55 36.20 0.22 17.02
N VAL A 56 35.44 0.96 16.20
CA VAL A 56 35.92 1.90 15.16
C VAL A 56 35.04 3.16 15.25
N GLN A 57 35.64 4.31 14.97
N GLN A 57 35.63 4.31 14.94
CA GLN A 57 34.95 5.63 14.92
CA GLN A 57 34.98 5.65 14.92
C GLN A 57 34.15 5.71 13.62
C GLN A 57 34.20 5.80 13.62
N LEU A 58 32.97 6.31 13.69
CA LEU A 58 32.17 6.63 12.49
C LEU A 58 31.20 7.74 12.85
N ASP A 59 31.30 8.86 12.13
CA ASP A 59 30.22 9.89 12.14
C ASP A 59 29.55 9.86 10.75
N ILE A 60 28.36 9.25 10.67
CA ILE A 60 27.62 9.05 9.39
C ILE A 60 27.11 10.39 8.84
N SER A 61 27.12 11.47 9.63
CA SER A 61 26.82 12.84 9.13
C SER A 61 28.05 13.42 8.42
N ASP A 62 29.23 12.81 8.59
CA ASP A 62 30.53 13.40 8.22
C ASP A 62 31.13 12.63 7.05
N GLU A 63 31.13 13.24 5.86
CA GLU A 63 31.70 12.62 4.64
C GLU A 63 33.16 12.23 4.93
N GLU A 64 33.88 13.05 5.70
CA GLU A 64 35.32 12.81 5.96
C GLU A 64 35.46 11.57 6.86
N SER A 65 34.49 11.31 7.73
CA SER A 65 34.42 10.05 8.52
C SER A 65 34.04 8.88 7.60
N ILE A 66 33.04 9.03 6.74
CA ILE A 66 32.64 7.95 5.78
C ILE A 66 33.80 7.60 4.83
N LYS A 67 34.59 8.56 4.35
CA LYS A 67 35.69 8.27 3.39
C LYS A 67 36.73 7.33 3.99
N LYS A 68 36.71 7.11 5.31
CA LYS A 68 37.77 6.32 5.98
C LYS A 68 37.21 4.99 6.50
N ILE A 69 35.88 4.83 6.58
CA ILE A 69 35.30 3.64 7.27
C ILE A 69 35.69 2.35 6.53
N ALA A 70 35.73 2.32 5.19
CA ALA A 70 36.12 1.10 4.46
C ALA A 70 37.54 0.67 4.87
N LYS A 71 38.54 1.53 4.72
CA LYS A 71 39.94 1.14 5.01
C LYS A 71 40.06 0.75 6.48
N ASN A 72 39.34 1.44 7.37
CA ASN A 72 39.51 1.25 8.84
C ASN A 72 38.80 -0.05 9.25
N VAL A 73 37.63 -0.35 8.67
CA VAL A 73 36.97 -1.66 8.97
C VAL A 73 37.86 -2.79 8.45
N SER A 74 38.52 -2.56 7.32
CA SER A 74 39.43 -3.52 6.63
C SER A 74 40.60 -3.91 7.53
N GLN A 75 41.02 -3.07 8.48
CA GLN A 75 42.15 -3.42 9.38
C GLN A 75 41.76 -4.64 10.23
N TYR A 76 40.46 -4.78 10.52
CA TYR A 76 39.92 -5.80 11.43
C TYR A 76 39.30 -6.98 10.70
N THR A 77 38.98 -6.85 9.41
CA THR A 77 38.30 -7.95 8.66
C THR A 77 38.47 -7.80 7.15
N ASP A 78 38.45 -8.93 6.45
CA ASP A 78 38.51 -8.99 4.97
C ASP A 78 37.09 -8.93 4.42
N SER A 79 36.08 -9.18 5.23
CA SER A 79 34.68 -9.26 4.74
C SER A 79 33.70 -8.89 5.84
N ILE A 80 32.50 -8.50 5.42
CA ILE A 80 31.30 -8.28 6.26
C ILE A 80 30.23 -9.22 5.73
N ASP A 81 29.70 -10.03 6.64
CA ASP A 81 28.63 -11.01 6.34
C ASP A 81 27.32 -10.28 6.46
N VAL A 82 27.15 -9.57 7.57
CA VAL A 82 25.87 -8.87 7.91
C VAL A 82 26.21 -7.43 8.27
N PHE A 83 25.56 -6.51 7.56
CA PHE A 83 25.74 -5.05 7.69
C PHE A 83 24.47 -4.50 8.31
N VAL A 84 24.62 -3.76 9.39
CA VAL A 84 23.47 -3.08 10.04
C VAL A 84 23.77 -1.58 10.16
N SER A 85 23.04 -0.78 9.37
CA SER A 85 22.92 0.69 9.55
C SER A 85 21.91 0.95 10.68
N ASN A 86 22.42 1.02 11.91
CA ASN A 86 21.58 1.28 13.10
C ASN A 86 21.70 2.74 13.55
N ALA A 87 22.89 3.37 13.47
CA ALA A 87 23.08 4.78 13.90
C ALA A 87 22.15 5.68 13.09
N ALA A 88 21.44 6.57 13.77
CA ALA A 88 20.39 7.46 13.23
C ALA A 88 20.02 8.44 14.34
N ILE A 89 19.43 9.57 13.96
CA ILE A 89 18.86 10.57 14.92
C ILE A 89 17.34 10.51 14.84
N ALA A 90 16.68 10.94 15.92
CA ALA A 90 15.23 11.16 15.99
C ALA A 90 14.96 12.42 16.83
N LYS A 91 15.02 13.60 16.20
CA LYS A 91 15.16 14.94 16.84
C LYS A 91 14.14 15.92 16.27
N SER A 92 13.19 15.46 15.45
CA SER A 92 12.25 16.36 14.73
C SER A 92 10.93 15.63 14.53
N PHE A 93 9.89 16.14 15.18
CA PHE A 93 8.51 15.62 15.19
C PHE A 93 7.62 16.85 15.07
N GLY A 94 6.32 16.64 14.91
CA GLY A 94 5.40 17.78 14.89
C GLY A 94 5.33 18.46 13.52
N PRO A 95 4.60 19.59 13.46
CA PRO A 95 4.01 20.06 12.21
C PRO A 95 5.09 20.58 11.26
N LEU A 96 4.79 20.51 9.97
CA LEU A 96 5.71 20.98 8.89
C LEU A 96 6.03 22.47 9.08
N LEU A 97 5.04 23.29 9.43
CA LEU A 97 5.23 24.77 9.49
C LEU A 97 6.12 25.11 10.69
N ASN A 98 6.26 24.20 11.67
CA ASN A 98 7.04 24.41 12.92
C ASN A 98 8.42 23.76 12.82
N THR A 99 8.73 23.11 11.69
CA THR A 99 10.01 22.41 11.48
C THR A 99 11.00 23.30 10.74
N PRO A 100 12.03 23.82 11.44
CA PRO A 100 13.03 24.66 10.79
C PRO A 100 13.87 23.89 9.77
N ARG A 101 14.44 24.63 8.83
CA ARG A 101 15.27 24.15 7.71
C ARG A 101 16.33 23.16 8.21
N GLU A 102 16.95 23.49 9.35
CA GLU A 102 18.13 22.83 9.93
C GLU A 102 17.73 21.40 10.25
N GLN A 103 16.50 21.18 10.73
CA GLN A 103 16.02 19.84 11.13
C GLN A 103 15.84 18.93 9.89
N TRP A 104 15.20 19.41 8.84
CA TRP A 104 15.10 18.70 7.53
C TRP A 104 16.51 18.32 7.08
N ILE A 105 17.43 19.27 7.11
CA ILE A 105 18.79 19.04 6.58
C ILE A 105 19.41 17.91 7.43
N GLU A 106 19.44 18.08 8.74
CA GLU A 106 20.22 17.19 9.62
C GLU A 106 19.67 15.76 9.53
N HIS A 107 18.35 15.59 9.44
CA HIS A 107 17.72 14.26 9.24
C HIS A 107 18.15 13.71 7.87
N PHE A 108 18.16 14.54 6.84
CA PHE A 108 18.61 14.08 5.50
C PHE A 108 20.03 13.54 5.62
N PHE A 109 20.95 14.32 6.18
CA PHE A 109 22.40 14.00 6.18
C PHE A 109 22.62 12.74 7.05
N THR A 110 22.04 12.69 8.23
CA THR A 110 22.36 11.63 9.21
C THR A 110 21.59 10.36 8.90
N ASN A 111 20.34 10.49 8.45
CA ASN A 111 19.38 9.37 8.35
C ASN A 111 19.27 8.84 6.91
N VAL A 112 19.56 9.65 5.89
CA VAL A 112 19.40 9.22 4.47
C VAL A 112 20.78 9.08 3.81
N LEU A 113 21.48 10.19 3.58
CA LEU A 113 22.77 10.21 2.86
C LEU A 113 23.81 9.38 3.63
N GLY A 114 23.81 9.44 4.95
CA GLY A 114 24.79 8.75 5.78
C GLY A 114 24.71 7.25 5.56
N PRO A 115 23.55 6.62 5.82
CA PRO A 115 23.41 5.18 5.60
C PRO A 115 23.73 4.82 4.15
N ILE A 116 23.29 5.63 3.20
CA ILE A 116 23.57 5.33 1.77
C ILE A 116 25.08 5.35 1.57
N ARG A 117 25.75 6.41 1.99
CA ARG A 117 27.22 6.53 1.73
C ARG A 117 27.94 5.38 2.42
N LEU A 118 27.50 5.09 3.65
CA LEU A 118 28.11 4.03 4.47
C LEU A 118 27.97 2.72 3.72
N PHE A 119 26.78 2.41 3.17
CA PHE A 119 26.60 1.15 2.40
C PHE A 119 27.54 1.17 1.18
N GLN A 120 27.61 2.27 0.46
CA GLN A 120 28.51 2.43 -0.73
C GLN A 120 29.94 2.06 -0.36
N GLU A 121 30.42 2.61 0.76
CA GLU A 121 31.84 2.45 1.17
C GLU A 121 32.07 0.99 1.54
N LEU A 122 31.08 0.34 2.16
CA LEU A 122 31.26 -1.00 2.77
C LEU A 122 30.77 -2.12 1.85
N TYR A 123 30.11 -1.82 0.74
CA TYR A 123 29.58 -2.82 -0.23
C TYR A 123 30.66 -3.84 -0.59
N PRO A 124 31.89 -3.43 -0.99
CA PRO A 124 32.93 -4.37 -1.41
C PRO A 124 33.16 -5.41 -0.31
N LEU A 125 33.37 -4.98 0.92
CA LEU A 125 33.62 -5.90 2.06
C LEU A 125 32.44 -6.85 2.18
N ILE A 126 31.25 -6.35 1.94
CA ILE A 126 29.99 -7.15 2.07
C ILE A 126 29.96 -8.14 0.92
N LYS A 127 30.36 -7.72 -0.29
CA LYS A 127 30.40 -8.58 -1.50
C LYS A 127 31.28 -9.81 -1.22
N LYS A 128 32.44 -9.59 -0.57
CA LYS A 128 33.42 -10.65 -0.25
C LYS A 128 32.94 -11.51 0.93
N GLY A 129 31.91 -11.13 1.65
CA GLY A 129 31.36 -12.00 2.71
C GLY A 129 30.43 -13.09 2.16
N THR A 130 29.91 -13.93 3.06
CA THR A 130 29.12 -15.12 2.70
C THR A 130 27.64 -14.77 2.81
N GLN A 131 27.21 -14.21 3.95
CA GLN A 131 25.78 -13.95 4.24
C GLN A 131 25.21 -12.87 3.30
N LYS A 132 26.00 -11.86 2.90
CA LYS A 132 25.56 -10.74 2.00
C LYS A 132 24.23 -10.16 2.45
N LYS A 133 24.09 -9.95 3.76
CA LYS A 133 22.88 -9.42 4.40
C LYS A 133 23.12 -7.94 4.70
N VAL A 134 22.11 -7.11 4.45
CA VAL A 134 22.20 -5.62 4.48
C VAL A 134 20.94 -5.11 5.15
N PHE A 135 21.05 -4.61 6.37
CA PHE A 135 19.89 -4.15 7.14
C PHE A 135 19.98 -2.65 7.39
N PHE A 136 18.95 -1.92 7.00
CA PHE A 136 18.78 -0.52 7.45
C PHE A 136 17.74 -0.53 8.56
N ILE A 137 18.17 -0.13 9.74
CA ILE A 137 17.24 0.02 10.88
C ILE A 137 16.41 1.24 10.53
N SER A 138 15.16 0.99 10.16
CA SER A 138 14.23 2.04 9.74
C SER A 138 13.25 2.24 10.89
N SER A 139 12.05 2.69 10.59
CA SER A 139 10.97 2.86 11.59
C SER A 139 9.64 2.62 10.90
N ASN A 140 8.64 2.16 11.65
CA ASN A 140 7.27 2.05 11.13
C ASN A 140 6.78 3.47 10.81
N ALA A 141 7.39 4.49 11.40
CA ALA A 141 7.03 5.91 11.14
C ALA A 141 7.34 6.29 9.67
N GLY A 142 8.29 5.64 9.05
CA GLY A 142 8.70 5.93 7.66
C GLY A 142 7.72 5.39 6.64
N SER A 143 6.83 4.49 7.05
CA SER A 143 5.80 3.88 6.17
C SER A 143 5.02 4.99 5.48
N LEU A 144 4.80 4.87 4.17
CA LEU A 144 3.90 5.81 3.47
C LEU A 144 2.44 5.39 3.65
N ASN A 145 2.12 4.32 4.41
CA ASN A 145 0.74 3.73 4.41
C ASN A 145 0.28 3.24 5.78
N LEU A 146 0.85 3.79 6.84
CA LEU A 146 0.39 3.57 8.23
C LEU A 146 0.02 4.92 8.81
N ASP A 147 -1.04 4.97 9.61
CA ASP A 147 -1.46 6.22 10.26
C ASP A 147 -1.32 6.01 11.75
N PHE A 148 -0.41 6.74 12.35
CA PHE A 148 -0.19 6.73 13.82
C PHE A 148 -0.89 7.94 14.45
N GLY A 149 -1.49 8.83 13.65
CA GLY A 149 -2.10 10.06 14.18
C GLY A 149 -1.08 10.85 14.99
N LEU A 150 0.15 10.84 14.49
CA LEU A 150 1.34 11.51 15.03
C LEU A 150 2.00 12.12 13.79
N ASP A 151 2.59 13.31 13.94
CA ASP A 151 3.44 13.97 12.91
C ASP A 151 4.89 13.53 13.18
N PHE A 152 5.60 12.99 12.20
CA PHE A 152 7.01 12.54 12.35
C PHE A 152 7.96 13.46 11.59
N SER A 153 7.45 14.48 10.90
CA SER A 153 8.27 15.64 10.44
C SER A 153 9.49 15.11 9.69
N ALA A 154 10.65 15.73 9.93
CA ALA A 154 11.95 15.39 9.29
C ALA A 154 12.34 13.97 9.66
N PHE A 155 11.96 13.46 10.84
CA PHE A 155 12.34 12.08 11.28
C PHE A 155 11.75 11.05 10.30
N GLY A 156 10.43 11.03 10.24
CA GLY A 156 9.65 10.09 9.40
C GLY A 156 10.01 10.28 7.94
N GLN A 157 10.17 11.53 7.50
CA GLN A 157 10.54 11.89 6.11
C GLN A 157 11.87 11.24 5.78
N SER A 158 12.85 11.27 6.70
CA SER A 158 14.20 10.67 6.52
C SER A 158 14.06 9.15 6.42
N LYS A 159 13.11 8.55 7.14
CA LYS A 159 12.99 7.07 7.20
C LYS A 159 12.26 6.60 5.94
N ALA A 160 11.22 7.32 5.50
CA ALA A 160 10.56 7.08 4.20
C ALA A 160 11.61 7.17 3.08
N ALA A 161 12.49 8.17 3.12
CA ALA A 161 13.50 8.35 2.05
C ALA A 161 14.43 7.14 2.03
N LEU A 162 14.94 6.72 3.18
CA LEU A 162 15.89 5.59 3.21
C LEU A 162 15.18 4.30 2.81
N ASN A 163 13.91 4.15 3.20
CA ASN A 163 12.97 3.07 2.81
C ASN A 163 12.90 2.96 1.28
N TYR A 164 12.74 4.08 0.60
CA TYR A 164 12.55 4.13 -0.88
C TYR A 164 13.82 3.57 -1.52
N SER A 165 14.98 4.09 -1.07
CA SER A 165 16.29 3.70 -1.63
C SER A 165 16.66 2.28 -1.16
N THR A 166 16.13 1.81 -0.02
CA THR A 166 16.44 0.42 0.44
C THR A 166 15.73 -0.59 -0.49
N LYS A 167 14.46 -0.33 -0.80
CA LYS A 167 13.62 -1.16 -1.68
C LYS A 167 14.26 -1.23 -3.06
N GLU A 168 14.80 -0.11 -3.55
CA GLU A 168 15.53 0.00 -4.85
C GLU A 168 16.81 -0.82 -4.77
N LEU A 169 17.55 -0.63 -3.68
CA LEU A 169 18.78 -1.42 -3.46
C LEU A 169 18.46 -2.93 -3.47
N ALA A 170 17.40 -3.37 -2.78
CA ALA A 170 17.04 -4.80 -2.75
C ALA A 170 16.94 -5.28 -4.19
N ARG A 171 16.24 -4.53 -5.06
CA ARG A 171 16.13 -4.89 -6.50
C ARG A 171 17.53 -4.94 -7.13
N GLN A 172 18.37 -3.94 -6.94
CA GLN A 172 19.66 -3.89 -7.66
C GLN A 172 20.55 -5.08 -7.27
N LEU A 173 20.47 -5.60 -6.04
CA LEU A 173 21.47 -6.57 -5.50
C LEU A 173 20.89 -7.98 -5.39
N LYS A 174 19.64 -8.16 -5.77
CA LYS A 174 18.98 -9.48 -6.00
C LYS A 174 19.87 -10.38 -6.84
N PRO A 175 20.38 -9.92 -8.01
CA PRO A 175 21.20 -10.77 -8.88
C PRO A 175 22.56 -11.16 -8.28
N GLU A 176 23.02 -10.42 -7.27
CA GLU A 176 24.29 -10.69 -6.54
C GLU A 176 24.01 -11.52 -5.29
N ASN A 177 22.75 -11.94 -5.08
CA ASN A 177 22.30 -12.84 -3.99
C ASN A 177 22.46 -12.13 -2.63
N PHE A 178 22.26 -10.81 -2.61
CA PHE A 178 22.19 -10.01 -1.36
C PHE A 178 20.78 -10.07 -0.79
N ILE A 179 20.69 -10.09 0.53
CA ILE A 179 19.43 -9.91 1.31
C ILE A 179 19.40 -8.47 1.80
N VAL A 180 18.49 -7.65 1.31
CA VAL A 180 18.36 -6.26 1.81
C VAL A 180 17.01 -6.10 2.54
N ALA A 181 17.04 -5.52 3.74
CA ALA A 181 15.79 -5.21 4.48
C ALA A 181 15.85 -3.81 5.10
N ALA A 182 14.70 -3.19 5.21
CA ALA A 182 14.42 -2.12 6.18
C ALA A 182 13.71 -2.79 7.35
N VAL A 183 14.17 -2.52 8.58
CA VAL A 183 13.63 -3.13 9.82
C VAL A 183 13.34 -2.03 10.83
N HIS A 184 12.09 -2.04 11.27
CA HIS A 184 11.59 -1.33 12.45
C HIS A 184 12.00 -2.16 13.65
N PRO A 185 12.80 -1.58 14.57
CA PRO A 185 13.33 -2.28 15.74
C PRO A 185 12.38 -2.28 16.95
N GLY A 186 11.21 -1.65 16.82
CA GLY A 186 10.14 -1.56 17.84
C GLY A 186 10.07 -0.20 18.50
N LYS A 187 9.17 -0.06 19.46
CA LYS A 187 9.11 1.19 20.23
C LYS A 187 9.95 0.94 21.47
N VAL A 188 11.17 1.49 21.48
CA VAL A 188 12.14 1.23 22.57
C VAL A 188 12.14 2.39 23.54
N THR A 216 3.48 -0.28 21.23
CA THR A 216 3.82 -0.94 22.52
C THR A 216 5.34 -0.93 22.76
N LYS A 217 5.75 -0.67 24.01
CA LYS A 217 7.17 -0.41 24.40
C LYS A 217 7.93 -1.74 24.59
N ILE A 218 9.18 -1.79 24.12
CA ILE A 218 10.09 -2.93 24.39
C ILE A 218 11.43 -2.33 24.78
N THR A 219 12.26 -3.14 25.44
CA THR A 219 13.59 -2.71 25.90
C THR A 219 14.58 -2.87 24.75
N PRO A 220 15.72 -2.13 24.79
CA PRO A 220 16.72 -2.31 23.75
C PRO A 220 17.22 -3.76 23.68
N GLU A 221 17.33 -4.43 24.82
CA GLU A 221 17.83 -5.84 24.87
C GLU A 221 16.80 -6.80 24.25
N GLU A 222 15.50 -6.50 24.38
CA GLU A 222 14.43 -7.32 23.75
C GLU A 222 14.50 -7.13 22.25
N SER A 223 14.52 -5.85 21.83
CA SER A 223 14.67 -5.42 20.41
C SER A 223 15.87 -6.16 19.79
N ALA A 224 17.04 -6.12 20.44
CA ALA A 224 18.26 -6.73 19.90
C ALA A 224 18.09 -8.26 19.76
N ALA A 225 17.47 -8.92 20.74
CA ALA A 225 17.25 -10.39 20.73
C ALA A 225 16.40 -10.75 19.50
N ALA A 226 15.30 -10.02 19.31
CA ALA A 226 14.39 -10.15 18.15
C ALA A 226 15.16 -9.78 16.88
N LEU A 227 15.78 -8.60 16.84
CA LEU A 227 16.58 -8.19 15.65
C LEU A 227 17.58 -9.29 15.31
N CYS A 228 18.28 -9.84 16.30
CA CYS A 228 19.44 -10.74 16.01
C CYS A 228 18.95 -12.04 15.37
N LYS A 229 17.79 -12.52 15.82
CA LYS A 229 17.13 -13.75 15.32
C LYS A 229 16.71 -13.46 13.87
N LEU A 230 16.09 -12.30 13.61
CA LEU A 230 15.71 -11.80 12.27
C LEU A 230 16.94 -11.77 11.34
N PHE A 231 18.06 -11.19 11.78
CA PHE A 231 19.29 -11.11 10.94
C PHE A 231 19.70 -12.52 10.53
N GLU A 232 19.73 -13.42 11.50
CA GLU A 232 20.14 -14.84 11.33
C GLU A 232 19.26 -15.50 10.24
N SER A 233 17.94 -15.42 10.40
CA SER A 233 16.99 -16.29 9.68
C SER A 233 16.63 -15.70 8.32
N LEU A 234 16.60 -14.37 8.16
CA LEU A 234 15.97 -13.75 6.97
C LEU A 234 16.75 -14.24 5.75
N ASN A 235 16.01 -14.71 4.74
CA ASN A 235 16.58 -15.45 3.61
C ASN A 235 15.91 -14.98 2.32
N THR A 236 15.28 -13.81 2.36
CA THR A 236 14.61 -13.18 1.19
C THR A 236 14.76 -11.67 1.32
N THR A 237 15.08 -11.02 0.19
CA THR A 237 15.42 -9.59 0.08
C THR A 237 14.16 -8.77 -0.15
N GLY A 238 14.24 -7.46 0.08
CA GLY A 238 13.24 -6.47 -0.33
C GLY A 238 12.12 -6.38 0.68
N LYS A 239 12.36 -6.81 1.92
CA LYS A 239 11.29 -6.83 2.95
C LYS A 239 11.41 -5.57 3.81
N TYR A 240 10.25 -5.02 4.21
CA TYR A 240 10.07 -3.98 5.23
C TYR A 240 9.49 -4.72 6.43
N LEU A 241 10.30 -4.93 7.45
CA LEU A 241 9.94 -5.83 8.57
C LEU A 241 9.97 -5.09 9.90
N SER A 242 9.09 -5.49 10.80
CA SER A 242 9.19 -5.25 12.25
C SER A 242 10.16 -6.25 12.84
N TYR A 243 10.65 -5.94 14.04
CA TYR A 243 11.59 -6.76 14.84
C TYR A 243 11.07 -8.19 15.00
N ASP A 244 9.75 -8.40 15.11
CA ASP A 244 9.15 -9.74 15.33
C ASP A 244 9.06 -10.52 14.02
N GLY A 245 9.69 -10.08 12.93
CA GLY A 245 9.65 -10.80 11.64
C GLY A 245 8.41 -10.51 10.80
N THR A 246 7.33 -9.94 11.33
CA THR A 246 6.16 -9.55 10.49
C THR A 246 6.47 -8.33 9.60
N GLU A 247 5.69 -8.19 8.53
CA GLU A 247 5.96 -7.26 7.41
C GLU A 247 5.24 -5.94 7.68
N LEU A 248 5.82 -4.83 7.28
CA LEU A 248 5.11 -3.52 7.30
C LEU A 248 4.88 -3.12 5.85
N PRO A 249 3.82 -2.37 5.54
CA PRO A 249 3.66 -1.86 4.20
C PRO A 249 4.63 -0.67 4.06
N TRP A 250 5.25 -0.53 2.90
CA TRP A 250 6.15 0.61 2.56
C TRP A 250 5.35 1.91 2.63
N GLU B 2 12.92 -32.82 -16.55
CA GLU B 2 11.54 -32.97 -17.12
C GLU B 2 10.55 -32.48 -16.08
N GLN B 3 9.69 -31.54 -16.49
CA GLN B 3 8.77 -30.77 -15.64
C GLN B 3 7.35 -31.03 -16.13
N THR B 4 6.39 -31.13 -15.20
CA THR B 4 4.94 -31.09 -15.47
C THR B 4 4.38 -29.71 -15.12
N TYR B 5 3.64 -29.10 -16.04
CA TYR B 5 2.78 -27.93 -15.81
C TYR B 5 1.31 -28.41 -15.77
N PHE B 6 0.53 -27.80 -14.88
CA PHE B 6 -0.95 -27.81 -14.85
C PHE B 6 -1.40 -26.40 -15.22
N ILE B 7 -2.16 -26.25 -16.28
CA ILE B 7 -2.89 -25.00 -16.65
C ILE B 7 -4.40 -25.27 -16.66
N SER B 8 -5.16 -24.63 -15.76
CA SER B 8 -6.65 -24.61 -15.83
C SER B 8 -7.06 -23.64 -16.95
N GLY B 9 -8.10 -23.98 -17.73
CA GLY B 9 -8.73 -23.11 -18.74
C GLY B 9 -7.83 -22.95 -19.95
N ALA B 10 -7.42 -24.06 -20.56
CA ALA B 10 -6.42 -24.10 -21.64
C ALA B 10 -7.07 -24.24 -23.02
N ASN B 11 -8.41 -24.24 -23.11
CA ASN B 11 -9.12 -24.41 -24.42
C ASN B 11 -9.00 -23.13 -25.26
N ARG B 12 -8.78 -21.96 -24.63
CA ARG B 12 -8.72 -20.67 -25.34
C ARG B 12 -8.07 -19.58 -24.46
N GLY B 13 -8.06 -18.34 -24.97
CA GLY B 13 -7.52 -17.18 -24.26
C GLY B 13 -6.07 -17.39 -23.88
N ILE B 14 -5.67 -16.79 -22.76
CA ILE B 14 -4.28 -16.81 -22.22
C ILE B 14 -3.92 -18.27 -21.91
N GLY B 15 -4.85 -19.06 -21.36
CA GLY B 15 -4.57 -20.49 -21.05
C GLY B 15 -4.10 -21.32 -22.25
N PHE B 16 -4.82 -21.26 -23.37
CA PHE B 16 -4.45 -22.00 -24.61
C PHE B 16 -3.06 -21.54 -25.06
N SER B 17 -2.81 -20.24 -25.02
CA SER B 17 -1.52 -19.64 -25.50
C SER B 17 -0.37 -20.12 -24.60
N VAL B 18 -0.58 -20.27 -23.29
CA VAL B 18 0.46 -20.82 -22.36
C VAL B 18 0.71 -22.30 -22.69
N VAL B 19 -0.35 -23.07 -22.93
CA VAL B 19 -0.21 -24.52 -23.23
C VAL B 19 0.54 -24.67 -24.54
N GLN B 20 0.15 -23.87 -25.53
CA GLN B 20 0.85 -23.76 -26.84
C GLN B 20 2.32 -23.38 -26.60
N ARG B 21 2.60 -22.48 -25.68
CA ARG B 21 4.01 -22.01 -25.49
C ARG B 21 4.81 -23.09 -24.79
N LEU B 22 4.21 -23.85 -23.86
CA LEU B 22 4.88 -24.96 -23.12
C LEU B 22 5.04 -26.19 -24.01
N ALA B 23 4.09 -26.48 -24.90
CA ALA B 23 4.17 -27.65 -25.81
C ALA B 23 5.40 -27.52 -26.72
N ALA B 24 5.83 -26.30 -27.05
CA ALA B 24 7.04 -26.00 -27.84
C ALA B 24 8.32 -26.33 -27.04
N LYS B 25 8.29 -26.16 -25.71
CA LYS B 25 9.47 -26.34 -24.83
C LYS B 25 9.72 -27.85 -24.64
N SER B 26 10.87 -28.37 -25.07
CA SER B 26 11.16 -29.82 -24.97
C SER B 26 11.19 -30.24 -23.49
N GLY B 27 10.59 -31.39 -23.18
CA GLY B 27 10.69 -32.03 -21.86
C GLY B 27 9.67 -31.47 -20.90
N VAL B 28 8.76 -30.60 -21.36
CA VAL B 28 7.69 -30.01 -20.50
C VAL B 28 6.40 -30.79 -20.73
N LYS B 29 6.00 -31.65 -19.82
CA LYS B 29 4.64 -32.25 -19.84
C LYS B 29 3.67 -31.14 -19.40
N VAL B 30 2.49 -31.10 -20.02
CA VAL B 30 1.41 -30.11 -19.73
C VAL B 30 0.08 -30.84 -19.51
N ILE B 31 -0.48 -30.76 -18.29
CA ILE B 31 -1.90 -31.07 -17.99
C ILE B 31 -2.74 -29.79 -18.24
N ALA B 32 -3.48 -29.78 -19.35
CA ALA B 32 -4.33 -28.69 -19.83
C ALA B 32 -5.80 -29.09 -19.59
N THR B 33 -6.61 -28.17 -19.05
CA THR B 33 -8.01 -28.47 -18.64
C THR B 33 -8.98 -27.62 -19.46
N ALA B 34 -10.15 -28.15 -19.73
CA ALA B 34 -11.27 -27.29 -20.20
C ALA B 34 -12.55 -27.86 -19.61
N ARG B 35 -13.57 -27.01 -19.44
CA ARG B 35 -14.92 -27.43 -18.99
C ARG B 35 -15.49 -28.47 -19.95
N ASP B 36 -15.14 -28.35 -21.23
CA ASP B 36 -15.74 -29.14 -22.33
C ASP B 36 -14.66 -29.50 -23.32
N PRO B 37 -13.79 -30.48 -22.97
CA PRO B 37 -12.76 -31.01 -23.86
C PRO B 37 -13.26 -31.48 -25.24
N ALA B 38 -14.43 -32.14 -25.36
CA ALA B 38 -14.96 -32.56 -26.67
C ALA B 38 -14.91 -31.37 -27.65
N SER B 39 -15.20 -30.16 -27.17
CA SER B 39 -15.36 -28.97 -28.04
C SER B 39 -14.09 -28.11 -28.09
N ALA B 40 -12.98 -28.55 -27.50
CA ALA B 40 -11.74 -27.72 -27.41
C ALA B 40 -10.89 -27.94 -28.65
N THR B 41 -11.40 -27.58 -29.84
CA THR B 41 -10.85 -28.01 -31.16
C THR B 41 -9.35 -27.72 -31.23
N ALA B 42 -8.94 -26.48 -30.99
CA ALA B 42 -7.52 -26.05 -31.10
C ALA B 42 -6.64 -26.82 -30.09
N LEU B 43 -7.11 -27.00 -28.84
CA LEU B 43 -6.34 -27.68 -27.76
C LEU B 43 -6.21 -29.15 -28.13
N ASN B 44 -7.33 -29.80 -28.48
CA ASN B 44 -7.35 -31.22 -28.89
C ASN B 44 -6.35 -31.42 -30.04
N GLU B 45 -6.34 -30.52 -31.04
CA GLU B 45 -5.40 -30.60 -32.19
C GLU B 45 -3.95 -30.41 -31.72
N LEU B 46 -3.70 -29.49 -30.80
CA LEU B 46 -2.35 -29.27 -30.21
C LEU B 46 -1.92 -30.56 -29.51
N ALA B 47 -2.85 -31.22 -28.83
CA ALA B 47 -2.61 -32.44 -28.05
C ALA B 47 -2.39 -33.62 -28.99
N LYS B 48 -3.16 -33.70 -30.06
CA LYS B 48 -3.02 -34.75 -31.11
C LYS B 48 -1.60 -34.71 -31.69
N GLU B 49 -1.05 -33.52 -31.99
CA GLU B 49 0.32 -33.37 -32.54
C GLU B 49 1.37 -33.41 -31.43
N ASN B 50 0.99 -33.19 -30.17
CA ASN B 50 1.99 -33.06 -29.10
C ASN B 50 1.59 -33.94 -27.93
N PRO B 51 2.10 -35.20 -27.89
CA PRO B 51 1.78 -36.14 -26.82
C PRO B 51 2.19 -35.67 -25.41
N GLN B 52 3.05 -34.65 -25.31
CA GLN B 52 3.47 -34.00 -24.02
C GLN B 52 2.23 -33.41 -23.36
N VAL B 53 1.26 -33.02 -24.19
CA VAL B 53 0.07 -32.22 -23.78
C VAL B 53 -1.08 -33.18 -23.53
N LYS B 54 -1.64 -33.19 -22.32
CA LYS B 54 -2.71 -34.13 -21.91
C LYS B 54 -3.91 -33.31 -21.51
N VAL B 55 -5.08 -33.55 -22.10
CA VAL B 55 -6.28 -32.75 -21.78
C VAL B 55 -7.14 -33.49 -20.77
N VAL B 56 -7.65 -32.76 -19.79
CA VAL B 56 -8.46 -33.23 -18.65
C VAL B 56 -9.65 -32.29 -18.52
N GLN B 57 -10.79 -32.80 -18.06
CA GLN B 57 -12.01 -32.01 -17.87
C GLN B 57 -11.93 -31.34 -16.48
N LEU B 58 -12.31 -30.06 -16.41
CA LEU B 58 -12.37 -29.32 -15.13
C LEU B 58 -13.36 -28.18 -15.25
N ASP B 59 -14.38 -28.22 -14.40
CA ASP B 59 -15.28 -27.08 -14.13
C ASP B 59 -15.02 -26.61 -12.69
N ILE B 60 -14.23 -25.56 -12.53
CA ILE B 60 -13.77 -25.10 -11.19
C ILE B 60 -14.96 -24.53 -10.42
N SER B 61 -16.10 -24.27 -11.06
CA SER B 61 -17.34 -23.83 -10.36
C SER B 61 -18.04 -25.05 -9.76
N ASP B 62 -17.62 -26.26 -10.17
CA ASP B 62 -18.31 -27.52 -9.83
C ASP B 62 -17.45 -28.36 -8.87
N GLU B 63 -17.87 -28.45 -7.60
CA GLU B 63 -17.20 -29.25 -6.54
C GLU B 63 -17.06 -30.71 -6.98
N GLU B 64 -18.05 -31.28 -7.70
CA GLU B 64 -18.01 -32.69 -8.17
C GLU B 64 -16.94 -32.85 -9.27
N SER B 65 -16.66 -31.82 -10.07
CA SER B 65 -15.52 -31.83 -11.03
C SER B 65 -14.21 -31.68 -10.23
N ILE B 66 -14.13 -30.68 -9.35
CA ILE B 66 -12.94 -30.50 -8.46
C ILE B 66 -12.61 -31.79 -7.70
N LYS B 67 -13.60 -32.49 -7.16
CA LYS B 67 -13.36 -33.72 -6.35
C LYS B 67 -12.71 -34.81 -7.19
N LYS B 68 -12.69 -34.70 -8.53
CA LYS B 68 -12.11 -35.77 -9.38
C LYS B 68 -10.76 -35.32 -10.00
N ILE B 69 -10.46 -34.04 -9.91
CA ILE B 69 -9.28 -33.49 -10.64
C ILE B 69 -7.98 -34.14 -10.19
N ALA B 70 -7.71 -34.30 -8.89
CA ALA B 70 -6.45 -34.94 -8.40
C ALA B 70 -6.25 -36.33 -9.02
N LYS B 71 -7.18 -37.28 -8.90
CA LYS B 71 -6.83 -38.64 -9.37
C LYS B 71 -6.91 -38.70 -10.90
N ASN B 72 -7.56 -37.76 -11.54
CA ASN B 72 -7.63 -37.80 -13.03
C ASN B 72 -6.30 -37.25 -13.53
N VAL B 73 -5.72 -36.26 -12.85
CA VAL B 73 -4.39 -35.72 -13.24
C VAL B 73 -3.34 -36.81 -12.99
N SER B 74 -3.52 -37.56 -11.89
CA SER B 74 -2.66 -38.69 -11.45
C SER B 74 -2.51 -39.73 -12.55
N GLN B 75 -3.49 -39.88 -13.43
CA GLN B 75 -3.40 -40.89 -14.50
C GLN B 75 -2.29 -40.49 -15.47
N TYR B 76 -1.96 -39.20 -15.56
CA TYR B 76 -1.00 -38.66 -16.55
C TYR B 76 0.31 -38.20 -15.92
N THR B 77 0.35 -37.95 -14.62
CA THR B 77 1.64 -37.58 -13.94
C THR B 77 1.62 -37.99 -12.46
N ASP B 78 2.78 -38.21 -11.87
CA ASP B 78 2.93 -38.43 -10.40
C ASP B 78 3.19 -37.11 -9.67
N SER B 79 3.45 -36.03 -10.40
CA SER B 79 3.80 -34.75 -9.74
C SER B 79 3.44 -33.59 -10.67
N ILE B 80 3.18 -32.43 -10.06
CA ILE B 80 3.17 -31.12 -10.76
C ILE B 80 4.33 -30.26 -10.22
N ASP B 81 5.09 -29.70 -11.15
CA ASP B 81 6.18 -28.72 -10.90
C ASP B 81 5.57 -27.34 -10.79
N VAL B 82 4.69 -27.02 -11.74
CA VAL B 82 4.14 -25.66 -11.89
C VAL B 82 2.64 -25.81 -12.10
N PHE B 83 1.91 -25.30 -11.12
CA PHE B 83 0.44 -25.19 -11.13
C PHE B 83 0.10 -23.76 -11.54
N VAL B 84 -0.79 -23.62 -12.50
CA VAL B 84 -1.32 -22.29 -12.93
C VAL B 84 -2.83 -22.36 -12.91
N SER B 85 -3.42 -21.59 -12.00
CA SER B 85 -4.87 -21.33 -11.94
C SER B 85 -5.15 -20.16 -12.87
N ASN B 86 -5.53 -20.48 -14.10
CA ASN B 86 -5.75 -19.46 -15.17
C ASN B 86 -7.23 -19.30 -15.46
N ALA B 87 -8.03 -20.38 -15.49
CA ALA B 87 -9.51 -20.31 -15.71
C ALA B 87 -10.13 -19.41 -14.65
N ALA B 88 -11.04 -18.57 -15.11
CA ALA B 88 -11.79 -17.57 -14.32
C ALA B 88 -12.86 -17.02 -15.21
N ILE B 89 -13.75 -16.26 -14.62
CA ILE B 89 -14.78 -15.49 -15.35
C ILE B 89 -14.54 -14.01 -15.05
N ALA B 90 -15.03 -13.18 -15.96
CA ALA B 90 -15.08 -11.71 -15.80
C ALA B 90 -16.39 -11.25 -16.45
N LYS B 91 -17.51 -11.33 -15.73
CA LYS B 91 -18.86 -11.10 -16.32
C LYS B 91 -19.58 -10.00 -15.56
N SER B 92 -18.84 -9.22 -14.76
CA SER B 92 -19.45 -8.28 -13.79
C SER B 92 -18.54 -7.07 -13.62
N PHE B 93 -19.00 -5.92 -14.08
CA PHE B 93 -18.28 -4.65 -13.88
C PHE B 93 -19.31 -3.62 -13.45
N GLY B 94 -18.89 -2.38 -13.17
CA GLY B 94 -19.85 -1.29 -12.94
C GLY B 94 -20.37 -1.24 -11.51
N PRO B 95 -21.31 -0.32 -11.25
CA PRO B 95 -21.62 0.12 -9.91
C PRO B 95 -22.21 -1.02 -9.08
N LEU B 96 -21.92 -0.99 -7.77
CA LEU B 96 -22.36 -2.02 -6.79
C LEU B 96 -23.89 -2.11 -6.76
N LEU B 97 -24.54 -0.97 -6.81
CA LEU B 97 -26.01 -0.90 -6.69
C LEU B 97 -26.64 -1.54 -7.93
N ASN B 98 -25.88 -1.71 -9.01
CA ASN B 98 -26.38 -2.29 -10.28
C ASN B 98 -26.04 -3.79 -10.34
N THR B 99 -25.31 -4.32 -9.37
CA THR B 99 -24.72 -5.69 -9.47
C THR B 99 -25.65 -6.68 -8.77
N PRO B 100 -26.33 -7.55 -9.54
CA PRO B 100 -27.26 -8.53 -8.95
C PRO B 100 -26.48 -9.55 -8.12
N ARG B 101 -27.17 -10.14 -7.16
CA ARG B 101 -26.71 -11.20 -6.22
C ARG B 101 -25.97 -12.31 -6.95
N GLU B 102 -26.57 -12.83 -8.03
CA GLU B 102 -26.07 -13.95 -8.88
C GLU B 102 -24.66 -13.65 -9.34
N GLN B 103 -24.33 -12.40 -9.59
CA GLN B 103 -22.99 -12.05 -10.14
C GLN B 103 -21.96 -12.09 -9.00
N TRP B 104 -22.34 -11.61 -7.81
CA TRP B 104 -21.50 -11.70 -6.59
C TRP B 104 -21.22 -13.18 -6.30
N ILE B 105 -22.26 -14.01 -6.35
CA ILE B 105 -22.17 -15.48 -6.11
C ILE B 105 -21.31 -16.12 -7.18
N GLU B 106 -21.61 -15.96 -8.46
CA GLU B 106 -20.87 -16.71 -9.50
C GLU B 106 -19.39 -16.30 -9.48
N HIS B 107 -19.05 -15.04 -9.27
CA HIS B 107 -17.60 -14.66 -9.27
C HIS B 107 -16.90 -15.23 -8.04
N PHE B 108 -17.61 -15.45 -6.94
CA PHE B 108 -16.96 -16.06 -5.75
C PHE B 108 -16.70 -17.54 -6.04
N PHE B 109 -17.72 -18.28 -6.45
CA PHE B 109 -17.64 -19.74 -6.71
C PHE B 109 -16.54 -20.04 -7.74
N THR B 110 -16.51 -19.31 -8.83
CA THR B 110 -15.64 -19.62 -9.98
C THR B 110 -14.26 -18.98 -9.78
N ASN B 111 -14.16 -17.78 -9.23
CA ASN B 111 -12.86 -17.03 -9.18
C ASN B 111 -12.15 -17.17 -7.84
N VAL B 112 -12.85 -17.51 -6.75
CA VAL B 112 -12.21 -17.67 -5.42
C VAL B 112 -12.22 -19.15 -4.97
N LEU B 113 -13.40 -19.73 -4.70
CA LEU B 113 -13.51 -21.11 -4.13
C LEU B 113 -12.87 -22.09 -5.10
N GLY B 114 -13.14 -21.95 -6.38
CA GLY B 114 -12.63 -22.88 -7.40
C GLY B 114 -11.11 -22.98 -7.35
N PRO B 115 -10.41 -21.85 -7.53
CA PRO B 115 -8.95 -21.85 -7.49
C PRO B 115 -8.49 -22.44 -6.15
N ILE B 116 -9.20 -22.13 -5.06
CA ILE B 116 -8.71 -22.50 -3.69
C ILE B 116 -8.82 -24.03 -3.59
N ARG B 117 -9.98 -24.57 -3.94
CA ARG B 117 -10.28 -26.02 -3.92
C ARG B 117 -9.36 -26.77 -4.87
N LEU B 118 -9.20 -26.25 -6.07
CA LEU B 118 -8.31 -26.89 -7.06
C LEU B 118 -6.90 -26.98 -6.47
N PHE B 119 -6.41 -25.89 -5.90
CA PHE B 119 -5.09 -25.93 -5.22
C PHE B 119 -5.06 -27.06 -4.16
N GLN B 120 -6.09 -27.11 -3.32
CA GLN B 120 -6.21 -28.09 -2.19
C GLN B 120 -6.07 -29.51 -2.72
N GLU B 121 -6.80 -29.80 -3.80
CA GLU B 121 -6.85 -31.13 -4.45
C GLU B 121 -5.50 -31.45 -5.07
N LEU B 122 -4.85 -30.48 -5.69
CA LEU B 122 -3.61 -30.79 -6.42
C LEU B 122 -2.38 -30.56 -5.54
N TYR B 123 -2.54 -30.17 -4.28
CA TYR B 123 -1.39 -29.72 -3.44
C TYR B 123 -0.40 -30.88 -3.33
N PRO B 124 -0.89 -32.12 -3.07
CA PRO B 124 0.00 -33.26 -2.89
C PRO B 124 0.80 -33.58 -4.15
N LEU B 125 0.17 -33.46 -5.34
CA LEU B 125 0.84 -33.68 -6.63
C LEU B 125 1.98 -32.65 -6.72
N ILE B 126 1.72 -31.43 -6.27
CA ILE B 126 2.70 -30.31 -6.37
C ILE B 126 3.80 -30.55 -5.35
N LYS B 127 3.43 -30.96 -4.14
CA LYS B 127 4.39 -31.25 -3.04
C LYS B 127 5.43 -32.26 -3.56
N LYS B 128 4.95 -33.25 -4.33
CA LYS B 128 5.74 -34.39 -4.86
C LYS B 128 6.64 -33.93 -6.02
N GLY B 129 6.43 -32.72 -6.53
CA GLY B 129 7.22 -32.17 -7.65
C GLY B 129 8.43 -31.41 -7.16
N THR B 130 9.34 -31.06 -8.08
CA THR B 130 10.59 -30.33 -7.81
C THR B 130 10.34 -28.82 -7.72
N GLN B 131 9.72 -28.18 -8.72
CA GLN B 131 9.75 -26.69 -8.86
C GLN B 131 8.92 -26.00 -7.75
N LYS B 132 7.76 -26.59 -7.37
CA LYS B 132 6.84 -26.17 -6.28
C LYS B 132 6.42 -24.72 -6.49
N LYS B 133 5.98 -24.44 -7.71
CA LYS B 133 5.57 -23.09 -8.13
C LYS B 133 4.05 -23.16 -8.26
N VAL B 134 3.38 -22.14 -7.75
CA VAL B 134 1.90 -22.02 -7.68
C VAL B 134 1.55 -20.62 -8.14
N PHE B 135 0.83 -20.51 -9.25
CA PHE B 135 0.45 -19.22 -9.84
C PHE B 135 -1.06 -19.10 -9.87
N PHE B 136 -1.54 -17.98 -9.35
CA PHE B 136 -2.97 -17.64 -9.49
C PHE B 136 -3.03 -16.48 -10.48
N ILE B 137 -3.46 -16.77 -11.70
CA ILE B 137 -3.63 -15.70 -12.70
C ILE B 137 -4.68 -14.78 -12.12
N SER B 138 -4.26 -13.57 -11.76
CA SER B 138 -5.15 -12.62 -11.07
C SER B 138 -5.39 -11.45 -12.02
N SER B 139 -5.54 -10.27 -11.47
CA SER B 139 -5.75 -9.06 -12.29
C SER B 139 -5.27 -7.85 -11.49
N ASN B 140 -4.67 -6.88 -12.15
CA ASN B 140 -4.35 -5.59 -11.46
C ASN B 140 -5.65 -5.04 -10.89
N ALA B 141 -6.80 -5.44 -11.45
CA ALA B 141 -8.14 -4.99 -11.03
C ALA B 141 -8.37 -5.41 -9.57
N GLY B 142 -7.65 -6.42 -9.09
CA GLY B 142 -7.88 -6.99 -7.76
C GLY B 142 -7.15 -6.21 -6.67
N SER B 143 -6.22 -5.31 -7.06
CA SER B 143 -5.40 -4.52 -6.12
C SER B 143 -6.33 -3.73 -5.20
N LEU B 144 -6.01 -3.61 -3.92
CA LEU B 144 -6.75 -2.68 -3.06
C LEU B 144 -6.13 -1.28 -3.20
N ASN B 145 -5.14 -1.08 -4.07
CA ASN B 145 -4.27 0.13 -4.01
C ASN B 145 -3.92 0.64 -5.39
N LEU B 146 -4.73 0.29 -6.39
CA LEU B 146 -4.68 0.89 -7.75
C LEU B 146 -6.04 1.46 -8.09
N ASP B 147 -6.03 2.62 -8.73
CA ASP B 147 -7.27 3.29 -9.20
C ASP B 147 -7.17 3.42 -10.71
N PHE B 148 -7.99 2.68 -11.45
CA PHE B 148 -8.07 2.74 -12.93
C PHE B 148 -9.27 3.59 -13.38
N GLY B 149 -9.95 4.29 -12.47
CA GLY B 149 -11.14 5.08 -12.81
C GLY B 149 -12.23 4.20 -13.41
N LEU B 150 -12.27 2.93 -13.00
CA LEU B 150 -13.25 1.95 -13.51
C LEU B 150 -13.81 1.18 -12.31
N ASP B 151 -15.08 0.76 -12.40
CA ASP B 151 -15.78 -0.09 -11.41
C ASP B 151 -15.67 -1.55 -11.86
N PHE B 152 -15.09 -2.42 -11.03
CA PHE B 152 -14.76 -3.82 -11.38
C PHE B 152 -15.68 -4.81 -10.68
N SER B 153 -16.51 -4.32 -9.77
CA SER B 153 -17.67 -5.05 -9.23
C SER B 153 -17.22 -6.43 -8.71
N ALA B 154 -17.97 -7.46 -9.03
CA ALA B 154 -17.78 -8.84 -8.53
C ALA B 154 -16.47 -9.38 -9.08
N PHE B 155 -16.12 -9.07 -10.33
CA PHE B 155 -14.81 -9.47 -10.91
C PHE B 155 -13.66 -9.01 -10.02
N GLY B 156 -13.53 -7.69 -9.81
CA GLY B 156 -12.41 -7.15 -9.02
C GLY B 156 -12.42 -7.68 -7.60
N GLN B 157 -13.59 -7.75 -6.99
CA GLN B 157 -13.81 -8.23 -5.60
C GLN B 157 -13.29 -9.67 -5.52
N SER B 158 -13.56 -10.46 -6.58
CA SER B 158 -13.20 -11.88 -6.70
C SER B 158 -11.69 -11.98 -6.77
N LYS B 159 -11.01 -11.12 -7.55
CA LYS B 159 -9.53 -11.14 -7.65
C LYS B 159 -8.93 -10.63 -6.33
N ALA B 160 -9.47 -9.57 -5.73
CA ALA B 160 -9.01 -9.10 -4.39
C ALA B 160 -9.05 -10.27 -3.38
N ALA B 161 -10.20 -10.95 -3.27
CA ALA B 161 -10.39 -12.06 -2.32
C ALA B 161 -9.31 -13.10 -2.58
N LEU B 162 -9.09 -13.49 -3.83
CA LEU B 162 -8.14 -14.59 -4.14
C LEU B 162 -6.73 -14.09 -3.83
N ASN B 163 -6.47 -12.82 -4.15
CA ASN B 163 -5.18 -12.16 -3.82
C ASN B 163 -4.93 -12.32 -2.31
N TYR B 164 -5.92 -12.05 -1.47
CA TYR B 164 -5.77 -12.05 0.00
C TYR B 164 -5.28 -13.45 0.39
N SER B 165 -5.93 -14.48 -0.14
CA SER B 165 -5.70 -15.89 0.23
C SER B 165 -4.42 -16.38 -0.43
N THR B 166 -4.04 -15.85 -1.60
CA THR B 166 -2.73 -16.17 -2.23
C THR B 166 -1.58 -15.72 -1.31
N LYS B 167 -1.68 -14.49 -0.82
CA LYS B 167 -0.67 -13.87 0.06
C LYS B 167 -0.49 -14.75 1.29
N GLU B 168 -1.60 -15.18 1.91
CA GLU B 168 -1.59 -16.08 3.10
C GLU B 168 -0.94 -17.40 2.70
N LEU B 169 -1.29 -17.93 1.52
CA LEU B 169 -0.77 -19.24 1.08
C LEU B 169 0.75 -19.14 0.92
N ALA B 170 1.22 -18.03 0.34
CA ALA B 170 2.67 -17.78 0.21
C ALA B 170 3.29 -17.95 1.59
N ARG B 171 2.76 -17.26 2.60
CA ARG B 171 3.31 -17.33 3.98
C ARG B 171 3.25 -18.80 4.43
N GLN B 172 2.10 -19.44 4.31
CA GLN B 172 1.88 -20.81 4.82
C GLN B 172 2.90 -21.78 4.23
N LEU B 173 3.26 -21.70 2.94
CA LEU B 173 4.05 -22.77 2.28
C LEU B 173 5.51 -22.31 2.03
N LYS B 174 5.92 -21.15 2.53
CA LYS B 174 7.36 -20.74 2.51
C LYS B 174 8.24 -21.80 3.18
N PRO B 175 7.82 -22.37 4.35
CA PRO B 175 8.58 -23.45 4.99
C PRO B 175 8.71 -24.71 4.13
N GLU B 176 7.82 -24.90 3.15
CA GLU B 176 7.88 -26.07 2.23
C GLU B 176 8.63 -25.68 0.95
N ASN B 177 9.20 -24.47 0.92
CA ASN B 177 9.98 -23.92 -0.23
C ASN B 177 9.06 -23.81 -1.47
N PHE B 178 7.77 -23.57 -1.27
CA PHE B 178 6.84 -23.31 -2.38
C PHE B 178 7.04 -21.86 -2.83
N ILE B 179 6.99 -21.65 -4.13
CA ILE B 179 6.91 -20.31 -4.75
C ILE B 179 5.44 -20.08 -5.10
N VAL B 180 4.81 -19.10 -4.47
CA VAL B 180 3.40 -18.76 -4.71
C VAL B 180 3.33 -17.32 -5.19
N ALA B 181 2.62 -17.08 -6.29
CA ALA B 181 2.42 -15.72 -6.81
C ALA B 181 1.00 -15.57 -7.32
N ALA B 182 0.48 -14.35 -7.23
CA ALA B 182 -0.64 -13.80 -8.04
C ALA B 182 -0.02 -13.01 -9.20
N VAL B 183 -0.43 -13.28 -10.45
CA VAL B 183 0.18 -12.67 -11.67
C VAL B 183 -0.96 -12.10 -12.49
N HIS B 184 -0.93 -10.79 -12.69
CA HIS B 184 -1.76 -10.08 -13.68
C HIS B 184 -1.19 -10.36 -15.07
N PRO B 185 -1.99 -10.97 -15.96
CA PRO B 185 -1.51 -11.34 -17.29
C PRO B 185 -1.45 -10.24 -18.36
N GLY B 186 -1.95 -9.04 -18.06
CA GLY B 186 -1.99 -7.89 -18.98
C GLY B 186 -3.40 -7.63 -19.44
N LYS B 187 -3.64 -6.57 -20.20
CA LYS B 187 -4.97 -6.35 -20.85
C LYS B 187 -4.97 -7.01 -22.24
N VAL B 188 -5.84 -8.01 -22.39
CA VAL B 188 -5.81 -8.88 -23.60
C VAL B 188 -7.18 -8.87 -24.28
N THR B 216 -1.70 -0.69 -21.93
CA THR B 216 -1.63 -1.15 -23.36
C THR B 216 -2.28 -2.53 -23.48
N LYS B 217 -3.13 -2.73 -24.49
CA LYS B 217 -3.70 -4.06 -24.82
C LYS B 217 -2.54 -4.92 -25.32
N ILE B 218 -2.45 -6.19 -24.90
CA ILE B 218 -1.49 -7.19 -25.47
C ILE B 218 -2.26 -8.41 -25.97
N THR B 219 -1.59 -9.22 -26.78
CA THR B 219 -2.18 -10.45 -27.37
C THR B 219 -2.00 -11.57 -26.38
N PRO B 220 -2.92 -12.57 -26.44
CA PRO B 220 -2.82 -13.76 -25.61
C PRO B 220 -1.42 -14.39 -25.74
N GLU B 221 -0.87 -14.46 -26.96
CA GLU B 221 0.45 -15.11 -27.22
C GLU B 221 1.59 -14.27 -26.62
N GLU B 222 1.47 -12.94 -26.62
CA GLU B 222 2.43 -12.02 -25.93
C GLU B 222 2.33 -12.23 -24.42
N SER B 223 1.13 -12.26 -23.88
CA SER B 223 0.86 -12.62 -22.47
C SER B 223 1.55 -13.95 -22.13
N ALA B 224 1.33 -15.00 -22.92
CA ALA B 224 1.82 -16.37 -22.64
C ALA B 224 3.35 -16.40 -22.71
N ALA B 225 3.95 -15.79 -23.74
CA ALA B 225 5.41 -15.65 -23.83
C ALA B 225 5.90 -15.06 -22.50
N ALA B 226 5.34 -13.93 -22.08
CA ALA B 226 5.86 -13.19 -20.90
C ALA B 226 5.58 -14.02 -19.64
N LEU B 227 4.38 -14.60 -19.51
CA LEU B 227 4.04 -15.39 -18.30
C LEU B 227 4.97 -16.61 -18.20
N CYS B 228 5.20 -17.27 -19.34
CA CYS B 228 6.04 -18.50 -19.29
C CYS B 228 7.45 -18.14 -18.83
N LYS B 229 7.95 -16.94 -19.15
CA LYS B 229 9.34 -16.53 -18.78
C LYS B 229 9.38 -16.32 -17.27
N LEU B 230 8.35 -15.62 -16.77
CA LEU B 230 8.04 -15.38 -15.34
C LEU B 230 7.91 -16.70 -14.56
N PHE B 231 7.06 -17.64 -15.00
CA PHE B 231 6.90 -18.96 -14.35
C PHE B 231 8.25 -19.66 -14.16
N GLU B 232 9.13 -19.57 -15.15
CA GLU B 232 10.46 -20.23 -15.16
C GLU B 232 11.41 -19.56 -14.16
N SER B 233 11.47 -18.23 -14.17
CA SER B 233 12.58 -17.46 -13.57
C SER B 233 12.29 -17.15 -12.08
N LEU B 234 11.01 -16.98 -11.72
CA LEU B 234 10.59 -16.50 -10.38
C LEU B 234 11.05 -17.52 -9.32
N ASN B 235 11.86 -17.05 -8.38
CA ASN B 235 12.54 -17.89 -7.36
C ASN B 235 12.19 -17.30 -6.00
N THR B 236 11.23 -16.37 -5.91
CA THR B 236 10.74 -15.80 -4.63
C THR B 236 9.21 -15.99 -4.55
N THR B 237 8.72 -16.31 -3.35
CA THR B 237 7.28 -16.47 -3.04
C THR B 237 6.68 -15.12 -2.59
N GLY B 238 5.35 -15.03 -2.57
CA GLY B 238 4.63 -13.90 -1.93
C GLY B 238 4.43 -12.71 -2.86
N LYS B 239 4.74 -12.84 -4.15
CA LYS B 239 4.68 -11.70 -5.10
C LYS B 239 3.28 -11.60 -5.75
N TYR B 240 2.81 -10.37 -5.91
CA TYR B 240 1.74 -9.91 -6.81
C TYR B 240 2.46 -9.25 -7.98
N LEU B 241 2.51 -9.92 -9.12
CA LEU B 241 3.33 -9.51 -10.29
C LEU B 241 2.42 -9.24 -11.47
N SER B 242 2.92 -8.38 -12.33
CA SER B 242 2.39 -8.19 -13.68
C SER B 242 3.18 -9.14 -14.58
N TYR B 243 2.71 -9.33 -15.80
CA TYR B 243 3.24 -10.31 -16.79
C TYR B 243 4.72 -10.06 -17.07
N ASP B 244 5.15 -8.80 -17.03
CA ASP B 244 6.55 -8.37 -17.33
C ASP B 244 7.46 -8.67 -16.15
N GLY B 245 6.93 -9.04 -14.98
CA GLY B 245 7.79 -9.32 -13.81
C GLY B 245 7.86 -8.16 -12.84
N THR B 246 7.29 -7.00 -13.16
CA THR B 246 7.17 -5.87 -12.21
C THR B 246 6.07 -6.15 -11.17
N GLU B 247 6.27 -5.62 -9.97
CA GLU B 247 5.39 -5.87 -8.83
C GLU B 247 4.19 -4.94 -8.89
N LEU B 248 3.09 -5.47 -8.41
CA LEU B 248 1.82 -4.75 -8.23
C LEU B 248 1.56 -4.67 -6.72
N PRO B 249 1.10 -3.52 -6.22
CA PRO B 249 0.76 -3.39 -4.81
C PRO B 249 -0.52 -4.20 -4.50
N TRP B 250 -0.51 -4.92 -3.39
CA TRP B 250 -1.68 -5.71 -2.96
C TRP B 250 -2.85 -4.73 -2.76
N GLU C 2 -34.20 15.39 13.64
CA GLU C 2 -33.83 14.09 14.27
C GLU C 2 -32.92 13.30 13.31
N GLN C 3 -32.15 12.35 13.84
CA GLN C 3 -31.29 11.41 13.06
C GLN C 3 -31.79 9.98 13.27
N THR C 4 -31.79 9.18 12.20
CA THR C 4 -32.21 7.75 12.19
C THR C 4 -30.99 6.88 11.90
N TYR C 5 -30.54 6.10 12.90
CA TYR C 5 -29.38 5.17 12.82
C TYR C 5 -29.89 3.75 12.50
N PHE C 6 -29.13 3.00 11.71
CA PHE C 6 -29.36 1.55 11.42
C PHE C 6 -28.13 0.69 11.78
N ILE C 7 -28.33 -0.33 12.63
CA ILE C 7 -27.29 -1.26 13.15
C ILE C 7 -27.76 -2.70 12.96
N SER C 8 -27.08 -3.48 12.14
CA SER C 8 -27.23 -4.96 12.06
C SER C 8 -26.55 -5.58 13.29
N GLY C 9 -27.08 -6.69 13.80
CA GLY C 9 -26.45 -7.46 14.89
C GLY C 9 -26.36 -6.61 16.14
N ALA C 10 -27.51 -6.15 16.62
CA ALA C 10 -27.63 -5.20 17.75
C ALA C 10 -27.96 -5.93 19.05
N ASN C 11 -28.12 -7.26 19.01
CA ASN C 11 -28.58 -8.10 20.15
C ASN C 11 -27.42 -8.26 21.13
N ARG C 12 -26.18 -8.27 20.64
CA ARG C 12 -24.99 -8.41 21.51
C ARG C 12 -23.76 -7.73 20.88
N GLY C 13 -22.63 -7.85 21.57
CA GLY C 13 -21.32 -7.38 21.10
C GLY C 13 -21.29 -5.87 20.93
N ILE C 14 -20.30 -5.39 20.19
CA ILE C 14 -20.16 -3.98 19.75
C ILE C 14 -21.54 -3.42 19.37
N GLY C 15 -22.37 -4.18 18.64
CA GLY C 15 -23.64 -3.71 18.08
C GLY C 15 -24.62 -3.31 19.17
N PHE C 16 -24.82 -4.21 20.14
CA PHE C 16 -25.55 -3.92 21.39
C PHE C 16 -25.01 -2.62 22.00
N SER C 17 -23.69 -2.54 22.23
CA SER C 17 -23.06 -1.37 22.90
C SER C 17 -23.33 -0.09 22.10
N VAL C 18 -23.41 -0.18 20.76
CA VAL C 18 -23.62 1.04 19.91
C VAL C 18 -25.05 1.50 20.16
N VAL C 19 -26.00 0.59 19.94
CA VAL C 19 -27.46 0.79 20.20
C VAL C 19 -27.66 1.27 21.65
N GLN C 20 -26.96 0.67 22.63
CA GLN C 20 -26.88 1.12 24.06
C GLN C 20 -26.58 2.63 24.15
N ARG C 21 -25.44 3.03 23.58
CA ARG C 21 -24.87 4.37 23.80
C ARG C 21 -25.54 5.38 22.88
N LEU C 22 -26.27 4.92 21.84
CA LEU C 22 -27.02 5.82 20.92
C LEU C 22 -28.25 6.37 21.65
N ALA C 23 -29.03 5.50 22.31
CA ALA C 23 -30.26 5.86 23.07
C ALA C 23 -29.93 6.91 24.16
N ALA C 24 -28.64 7.17 24.40
CA ALA C 24 -28.11 8.18 25.35
C ALA C 24 -28.16 9.58 24.71
N LYS C 25 -27.64 9.74 23.48
CA LYS C 25 -27.83 10.97 22.66
C LYS C 25 -29.34 11.20 22.51
N SER C 26 -29.81 12.42 22.80
CA SER C 26 -31.25 12.78 22.82
C SER C 26 -31.85 12.64 21.41
N GLY C 27 -33.07 12.12 21.33
CA GLY C 27 -33.93 12.13 20.11
C GLY C 27 -33.14 11.77 18.85
N VAL C 28 -32.73 10.51 18.76
CA VAL C 28 -32.04 9.94 17.56
C VAL C 28 -32.53 8.50 17.45
N LYS C 29 -33.51 8.24 16.58
CA LYS C 29 -34.22 6.93 16.52
C LYS C 29 -33.27 5.88 15.96
N VAL C 30 -33.40 4.66 16.48
CA VAL C 30 -32.42 3.54 16.32
C VAL C 30 -33.16 2.30 15.81
N ILE C 31 -32.93 1.95 14.54
CA ILE C 31 -33.34 0.65 13.94
C ILE C 31 -32.26 -0.38 14.27
N ALA C 32 -32.54 -1.28 15.22
CA ALA C 32 -31.61 -2.35 15.72
C ALA C 32 -32.06 -3.70 15.17
N THR C 33 -31.14 -4.50 14.61
CA THR C 33 -31.50 -5.85 14.06
C THR C 33 -30.93 -6.97 14.92
N ALA C 34 -31.65 -8.10 14.94
CA ALA C 34 -31.21 -9.42 15.44
C ALA C 34 -31.79 -10.52 14.54
N ARG C 35 -31.06 -11.63 14.40
CA ARG C 35 -31.54 -12.87 13.72
C ARG C 35 -32.89 -13.27 14.34
N ASP C 36 -32.92 -13.36 15.67
CA ASP C 36 -34.03 -13.94 16.47
C ASP C 36 -34.42 -12.92 17.53
N PRO C 37 -35.22 -11.88 17.16
CA PRO C 37 -35.57 -10.79 18.06
C PRO C 37 -36.22 -11.25 19.39
N ALA C 38 -37.12 -12.22 19.30
CA ALA C 38 -37.86 -12.77 20.46
C ALA C 38 -36.84 -13.20 21.53
N SER C 39 -35.67 -13.70 21.14
CA SER C 39 -34.60 -14.22 22.04
C SER C 39 -33.50 -13.18 22.27
N ALA C 40 -33.73 -11.91 21.93
CA ALA C 40 -32.71 -10.82 22.00
C ALA C 40 -32.92 -10.02 23.29
N THR C 41 -32.93 -10.70 24.44
CA THR C 41 -33.51 -10.20 25.73
C THR C 41 -32.93 -8.82 26.08
N ALA C 42 -31.60 -8.65 26.00
CA ALA C 42 -30.91 -7.40 26.42
C ALA C 42 -31.31 -6.25 25.49
N LEU C 43 -31.59 -6.54 24.21
CA LEU C 43 -32.01 -5.52 23.21
C LEU C 43 -33.48 -5.17 23.42
N ASN C 44 -34.33 -6.16 23.69
CA ASN C 44 -35.78 -5.94 23.95
C ASN C 44 -35.93 -5.05 25.20
N GLU C 45 -35.10 -5.26 26.24
CA GLU C 45 -35.15 -4.48 27.51
C GLU C 45 -34.53 -3.10 27.35
N LEU C 46 -33.94 -2.80 26.20
CA LEU C 46 -33.46 -1.44 25.81
C LEU C 46 -34.57 -0.71 25.04
N ALA C 47 -35.33 -1.45 24.22
CA ALA C 47 -36.47 -0.93 23.42
C ALA C 47 -37.60 -0.51 24.36
N LYS C 48 -37.81 -1.27 25.45
CA LYS C 48 -38.81 -0.96 26.50
C LYS C 48 -38.23 0.13 27.41
N GLU C 49 -36.91 0.33 27.39
CA GLU C 49 -36.23 1.38 28.21
C GLU C 49 -36.24 2.70 27.45
N ASN C 50 -35.69 2.72 26.22
CA ASN C 50 -35.67 3.93 25.37
C ASN C 50 -36.29 3.53 24.04
N PRO C 51 -37.62 3.73 23.85
CA PRO C 51 -38.34 3.10 22.74
C PRO C 51 -38.14 3.77 21.37
N GLN C 52 -37.24 4.76 21.27
CA GLN C 52 -36.73 5.28 19.96
C GLN C 52 -35.94 4.15 19.29
N VAL C 53 -35.49 3.18 20.11
CA VAL C 53 -34.87 1.90 19.66
C VAL C 53 -35.98 0.97 19.13
N LYS C 54 -35.89 0.58 17.86
CA LYS C 54 -36.86 -0.33 17.20
C LYS C 54 -36.14 -1.61 16.73
N VAL C 55 -36.56 -2.77 17.24
CA VAL C 55 -35.94 -4.11 16.98
C VAL C 55 -36.57 -4.76 15.74
N VAL C 56 -35.75 -5.04 14.73
CA VAL C 56 -36.16 -5.62 13.41
C VAL C 56 -35.49 -6.99 13.27
N GLN C 57 -36.15 -7.92 12.57
CA GLN C 57 -35.57 -9.25 12.23
C GLN C 57 -34.57 -9.02 11.09
N LEU C 58 -33.38 -9.63 11.18
CA LEU C 58 -32.40 -9.65 10.05
C LEU C 58 -31.40 -10.79 10.23
N ASP C 59 -31.34 -11.66 9.24
CA ASP C 59 -30.27 -12.67 9.04
C ASP C 59 -29.50 -12.27 7.77
N ILE C 60 -28.37 -11.57 7.87
CA ILE C 60 -27.61 -11.14 6.66
C ILE C 60 -27.17 -12.34 5.80
N SER C 61 -27.15 -13.56 6.33
CA SER C 61 -26.88 -14.82 5.57
C SER C 61 -28.10 -15.17 4.70
N ASP C 62 -29.28 -14.71 5.07
CA ASP C 62 -30.53 -15.24 4.49
C ASP C 62 -31.12 -14.18 3.54
N GLU C 63 -31.10 -14.46 2.23
CA GLU C 63 -31.59 -13.57 1.15
C GLU C 63 -33.08 -13.25 1.34
N GLU C 64 -33.85 -14.20 1.90
CA GLU C 64 -35.30 -14.01 2.18
C GLU C 64 -35.45 -12.96 3.28
N SER C 65 -34.60 -12.99 4.31
CA SER C 65 -34.54 -11.95 5.38
C SER C 65 -34.24 -10.58 4.76
N ILE C 66 -33.21 -10.48 3.91
CA ILE C 66 -32.76 -9.19 3.31
C ILE C 66 -33.83 -8.63 2.38
N LYS C 67 -34.51 -9.48 1.63
CA LYS C 67 -35.64 -9.08 0.74
C LYS C 67 -36.76 -8.42 1.57
N LYS C 68 -36.70 -8.46 2.91
CA LYS C 68 -37.78 -7.92 3.78
C LYS C 68 -37.31 -6.70 4.61
N ILE C 69 -36.00 -6.46 4.71
CA ILE C 69 -35.44 -5.42 5.62
C ILE C 69 -35.92 -4.01 5.18
N ALA C 70 -36.02 -3.71 3.88
CA ALA C 70 -36.49 -2.39 3.39
C ALA C 70 -37.86 -2.08 4.02
N LYS C 71 -38.84 -2.98 3.89
CA LYS C 71 -40.23 -2.85 4.42
C LYS C 71 -40.25 -2.83 5.94
N ASN C 72 -39.36 -3.59 6.60
CA ASN C 72 -39.25 -3.69 8.09
C ASN C 72 -38.73 -2.36 8.66
N VAL C 73 -37.77 -1.72 8.01
CA VAL C 73 -37.21 -0.40 8.43
C VAL C 73 -38.24 0.71 8.11
N SER C 74 -38.86 0.68 6.93
CA SER C 74 -39.84 1.69 6.41
C SER C 74 -41.00 1.88 7.39
N GLN C 75 -41.38 0.83 8.12
CA GLN C 75 -42.42 0.87 9.18
C GLN C 75 -42.10 1.99 10.18
N TYR C 76 -40.83 2.18 10.52
CA TYR C 76 -40.39 3.02 11.66
C TYR C 76 -39.75 4.32 11.19
N THR C 77 -39.54 4.53 9.88
CA THR C 77 -38.83 5.73 9.35
C THR C 77 -38.95 5.80 7.83
N ASP C 78 -38.95 7.02 7.27
CA ASP C 78 -38.89 7.27 5.80
C ASP C 78 -37.45 7.53 5.34
N SER C 79 -36.46 7.60 6.25
CA SER C 79 -35.03 7.62 5.86
C SER C 79 -34.13 7.07 6.97
N ILE C 80 -32.86 6.83 6.63
CA ILE C 80 -31.77 6.44 7.58
C ILE C 80 -30.59 7.38 7.36
N ASP C 81 -30.12 8.04 8.42
CA ASP C 81 -29.07 9.07 8.32
C ASP C 81 -27.71 8.37 8.30
N VAL C 82 -27.54 7.41 9.20
CA VAL C 82 -26.29 6.63 9.41
C VAL C 82 -26.68 5.15 9.33
N PHE C 83 -26.15 4.46 8.31
CA PHE C 83 -26.24 2.99 8.16
C PHE C 83 -24.93 2.40 8.71
N VAL C 84 -25.04 1.32 9.46
CA VAL C 84 -23.89 0.61 10.09
C VAL C 84 -24.11 -0.88 9.86
N SER C 85 -23.40 -1.49 8.91
CA SER C 85 -23.37 -2.96 8.68
C SER C 85 -22.43 -3.56 9.72
N ASN C 86 -23.00 -4.08 10.80
CA ASN C 86 -22.22 -4.59 11.96
C ASN C 86 -22.20 -6.11 11.93
N ALA C 87 -23.35 -6.73 11.80
CA ALA C 87 -23.52 -8.21 11.90
C ALA C 87 -22.52 -8.85 10.92
N ALA C 88 -21.79 -9.85 11.39
CA ALA C 88 -20.83 -10.63 10.59
C ALA C 88 -20.47 -11.89 11.38
N ILE C 89 -19.67 -12.76 10.78
CA ILE C 89 -19.11 -13.93 11.49
C ILE C 89 -17.58 -13.86 11.39
N ALA C 90 -16.93 -14.71 12.18
CA ALA C 90 -15.47 -14.88 12.27
C ALA C 90 -15.21 -16.27 12.84
N LYS C 91 -15.38 -17.30 12.02
CA LYS C 91 -15.41 -18.71 12.47
C LYS C 91 -14.18 -19.48 11.99
N SER C 92 -13.43 -18.90 11.08
CA SER C 92 -12.43 -19.59 10.25
C SER C 92 -11.17 -18.72 10.19
N PHE C 93 -10.09 -19.25 10.71
CA PHE C 93 -8.71 -18.72 10.68
C PHE C 93 -7.78 -19.83 10.19
N GLY C 94 -6.50 -19.47 10.06
CA GLY C 94 -5.45 -20.48 9.84
C GLY C 94 -5.27 -20.83 8.37
N PRO C 95 -4.59 -21.95 8.10
CA PRO C 95 -4.15 -22.28 6.75
C PRO C 95 -5.26 -22.50 5.73
N LEU C 96 -4.92 -22.16 4.50
CA LEU C 96 -5.78 -22.37 3.32
C LEU C 96 -6.03 -23.87 3.11
N LEU C 97 -5.00 -24.70 3.18
CA LEU C 97 -5.15 -26.15 2.96
C LEU C 97 -6.10 -26.75 4.01
N ASN C 98 -6.27 -26.10 5.16
CA ASN C 98 -7.02 -26.59 6.33
C ASN C 98 -8.41 -25.92 6.36
N THR C 99 -8.71 -25.02 5.42
CA THR C 99 -10.00 -24.29 5.40
C THR C 99 -10.95 -24.99 4.43
N PRO C 100 -12.00 -25.68 4.94
CA PRO C 100 -12.91 -26.42 4.08
C PRO C 100 -13.81 -25.49 3.29
N ARG C 101 -14.45 -26.06 2.28
CA ARG C 101 -15.33 -25.35 1.31
C ARG C 101 -16.38 -24.54 2.06
N GLU C 102 -17.05 -25.16 3.04
CA GLU C 102 -18.20 -24.60 3.78
C GLU C 102 -17.84 -23.27 4.47
N GLN C 103 -16.61 -23.12 4.98
N GLN C 103 -16.63 -23.14 5.01
CA GLN C 103 -16.18 -21.92 5.75
CA GLN C 103 -16.18 -21.92 5.75
C GLN C 103 -15.85 -20.79 4.77
C GLN C 103 -15.94 -20.79 4.74
N TRP C 104 -15.35 -21.11 3.59
CA TRP C 104 -15.17 -20.12 2.52
C TRP C 104 -16.54 -19.58 2.11
N ILE C 105 -17.49 -20.49 1.95
CA ILE C 105 -18.84 -20.19 1.42
C ILE C 105 -19.52 -19.35 2.46
N GLU C 106 -19.55 -19.82 3.71
CA GLU C 106 -20.32 -19.14 4.77
C GLU C 106 -19.79 -17.70 4.98
N HIS C 107 -18.48 -17.48 5.00
CA HIS C 107 -17.92 -16.13 5.24
C HIS C 107 -18.27 -15.25 4.04
N PHE C 108 -18.27 -15.80 2.84
CA PHE C 108 -18.66 -15.00 1.66
C PHE C 108 -20.10 -14.51 1.80
N PHE C 109 -21.03 -15.45 1.99
CA PHE C 109 -22.49 -15.14 2.01
C PHE C 109 -22.78 -14.17 3.14
N THR C 110 -22.27 -14.45 4.33
CA THR C 110 -22.60 -13.70 5.55
C THR C 110 -21.83 -12.38 5.58
N ASN C 111 -20.56 -12.34 5.15
CA ASN C 111 -19.67 -11.19 5.42
C ASN C 111 -19.44 -10.31 4.20
N VAL C 112 -19.75 -10.80 2.99
CA VAL C 112 -19.62 -10.00 1.74
C VAL C 112 -20.99 -9.75 1.11
N LEU C 113 -21.69 -10.80 0.68
CA LEU C 113 -22.98 -10.69 -0.05
C LEU C 113 -24.05 -10.07 0.86
N GLY C 114 -24.12 -10.55 2.10
CA GLY C 114 -25.05 -10.04 3.12
C GLY C 114 -25.06 -8.52 3.16
N PRO C 115 -23.94 -7.87 3.61
CA PRO C 115 -23.81 -6.41 3.63
C PRO C 115 -24.10 -5.74 2.29
N ILE C 116 -23.65 -6.32 1.15
CA ILE C 116 -23.87 -5.71 -0.20
C ILE C 116 -25.38 -5.74 -0.50
N ARG C 117 -26.05 -6.83 -0.14
CA ARG C 117 -27.52 -6.93 -0.39
C ARG C 117 -28.23 -5.97 0.57
N LEU C 118 -27.91 -6.03 1.87
CA LEU C 118 -28.45 -5.12 2.91
C LEU C 118 -28.39 -3.67 2.42
N PHE C 119 -27.19 -3.19 2.02
CA PHE C 119 -26.98 -1.81 1.53
C PHE C 119 -27.88 -1.53 0.30
N GLN C 120 -27.91 -2.44 -0.68
CA GLN C 120 -28.78 -2.33 -1.89
C GLN C 120 -30.23 -2.06 -1.44
N GLU C 121 -30.72 -2.79 -0.43
CA GLU C 121 -32.13 -2.74 0.04
C GLU C 121 -32.42 -1.44 0.81
N LEU C 122 -31.45 -0.84 1.50
CA LEU C 122 -31.69 0.35 2.37
C LEU C 122 -31.14 1.62 1.69
N TYR C 123 -30.61 1.49 0.49
CA TYR C 123 -29.91 2.60 -0.21
C TYR C 123 -30.90 3.73 -0.41
N PRO C 124 -32.14 3.44 -0.90
CA PRO C 124 -33.15 4.48 -1.10
C PRO C 124 -33.49 5.21 0.22
N LEU C 125 -33.57 4.47 1.33
CA LEU C 125 -33.91 5.09 2.65
C LEU C 125 -32.71 5.92 3.11
N ILE C 126 -31.49 5.49 2.80
CA ILE C 126 -30.26 6.29 3.12
C ILE C 126 -30.27 7.55 2.23
N LYS C 127 -30.69 7.41 0.99
CA LYS C 127 -30.74 8.49 -0.03
C LYS C 127 -31.70 9.59 0.47
N LYS C 128 -32.82 9.20 1.08
CA LYS C 128 -33.84 10.13 1.62
C LYS C 128 -33.35 10.84 2.90
N GLY C 129 -32.29 10.35 3.53
CA GLY C 129 -31.74 10.94 4.77
C GLY C 129 -30.85 12.13 4.47
N THR C 130 -30.32 12.76 5.54
CA THR C 130 -29.52 14.02 5.51
C THR C 130 -28.01 13.71 5.54
N GLN C 131 -27.61 12.83 6.46
CA GLN C 131 -26.20 12.55 6.81
C GLN C 131 -25.58 11.64 5.74
N LYS C 132 -26.36 10.74 5.12
CA LYS C 132 -25.87 9.86 4.02
C LYS C 132 -24.52 9.25 4.41
N LYS C 133 -24.42 8.72 5.65
CA LYS C 133 -23.21 8.03 6.15
C LYS C 133 -23.43 6.51 6.13
N VAL C 134 -22.49 5.77 5.54
CA VAL C 134 -22.55 4.29 5.34
C VAL C 134 -21.27 3.72 5.95
N PHE C 135 -21.42 2.91 6.98
CA PHE C 135 -20.30 2.25 7.72
C PHE C 135 -20.43 0.73 7.56
N PHE C 136 -19.37 0.10 7.10
CA PHE C 136 -19.22 -1.37 7.15
C PHE C 136 -18.18 -1.63 8.23
N ILE C 137 -18.61 -2.37 9.25
CA ILE C 137 -17.71 -2.86 10.30
C ILE C 137 -16.79 -3.88 9.63
N SER C 138 -15.56 -3.48 9.37
CA SER C 138 -14.53 -4.34 8.76
C SER C 138 -13.67 -4.93 9.88
N SER C 139 -12.45 -5.29 9.52
CA SER C 139 -11.40 -5.75 10.44
C SER C 139 -10.07 -5.31 9.83
N ASN C 140 -9.06 -5.06 10.67
CA ASN C 140 -7.69 -4.75 10.21
C ASN C 140 -7.13 -6.00 9.53
N ALA C 141 -7.69 -7.19 9.88
CA ALA C 141 -7.39 -8.51 9.29
C ALA C 141 -7.65 -8.50 7.79
N GLY C 142 -8.54 -7.61 7.34
CA GLY C 142 -9.04 -7.41 5.96
C GLY C 142 -8.04 -6.69 5.06
N SER C 143 -7.12 -5.89 5.63
CA SER C 143 -6.07 -5.16 4.85
C SER C 143 -5.29 -6.17 4.01
N LEU C 144 -4.99 -5.83 2.75
CA LEU C 144 -3.99 -6.59 1.95
C LEU C 144 -2.57 -6.22 2.36
N ASN C 145 -2.37 -5.35 3.35
CA ASN C 145 -1.10 -4.58 3.46
C ASN C 145 -0.58 -4.55 4.91
N LEU C 146 -1.15 -5.37 5.76
CA LEU C 146 -0.83 -5.49 7.21
C LEU C 146 -0.52 -6.97 7.43
N ASP C 147 0.34 -7.24 8.39
CA ASP C 147 0.84 -8.59 8.76
C ASP C 147 0.78 -8.67 10.29
N PHE C 148 -0.08 -9.51 10.81
CA PHE C 148 -0.27 -9.70 12.27
C PHE C 148 0.44 -10.97 12.72
N GLY C 149 1.27 -11.54 11.85
CA GLY C 149 1.87 -12.88 12.01
C GLY C 149 0.81 -13.95 12.28
N LEU C 150 -0.39 -13.75 11.71
CA LEU C 150 -1.57 -14.64 11.79
C LEU C 150 -2.16 -14.80 10.38
N ASP C 151 -2.72 -15.97 10.04
CA ASP C 151 -3.63 -16.18 8.88
C ASP C 151 -5.09 -16.05 9.35
N PHE C 152 -5.95 -15.40 8.56
CA PHE C 152 -7.38 -15.11 8.86
C PHE C 152 -8.32 -15.92 7.94
N SER C 153 -7.79 -16.73 7.01
CA SER C 153 -8.58 -17.75 6.27
C SER C 153 -9.79 -17.09 5.61
N ALA C 154 -10.99 -17.67 5.79
CA ALA C 154 -12.21 -17.20 5.11
C ALA C 154 -12.65 -15.86 5.71
N PHE C 155 -12.40 -15.65 7.02
CA PHE C 155 -12.73 -14.41 7.76
C PHE C 155 -11.96 -13.21 7.16
N GLY C 156 -10.65 -13.33 7.05
CA GLY C 156 -9.78 -12.29 6.44
C GLY C 156 -10.16 -12.01 4.99
N GLN C 157 -10.24 -13.07 4.18
CA GLN C 157 -10.71 -12.95 2.78
C GLN C 157 -11.99 -12.11 2.69
N SER C 158 -13.00 -12.44 3.50
CA SER C 158 -14.39 -11.90 3.47
C SER C 158 -14.37 -10.42 3.89
N LYS C 159 -13.51 -10.06 4.82
CA LYS C 159 -13.31 -8.62 5.17
C LYS C 159 -12.54 -7.89 4.04
N ALA C 160 -11.60 -8.54 3.36
CA ALA C 160 -10.89 -7.97 2.19
C ALA C 160 -11.87 -7.77 1.02
N ALA C 161 -12.62 -8.82 0.66
CA ALA C 161 -13.70 -8.79 -0.35
C ALA C 161 -14.57 -7.56 -0.11
N LEU C 162 -15.16 -7.46 1.08
CA LEU C 162 -16.11 -6.36 1.41
C LEU C 162 -15.36 -5.01 1.38
N ASN C 163 -14.12 -4.96 1.86
CA ASN C 163 -13.30 -3.73 1.72
C ASN C 163 -13.20 -3.33 0.24
N TYR C 164 -12.90 -4.26 -0.66
CA TYR C 164 -12.73 -3.89 -2.08
C TYR C 164 -13.99 -3.16 -2.54
N SER C 165 -15.17 -3.73 -2.24
CA SER C 165 -16.49 -3.24 -2.67
C SER C 165 -16.84 -1.91 -1.98
N THR C 166 -16.46 -1.76 -0.72
CA THR C 166 -16.68 -0.55 0.09
C THR C 166 -15.96 0.62 -0.58
N LYS C 167 -14.70 0.42 -0.93
CA LYS C 167 -13.87 1.46 -1.59
C LYS C 167 -14.54 1.82 -2.91
N GLU C 168 -14.96 0.81 -3.68
CA GLU C 168 -15.67 1.04 -4.96
C GLU C 168 -16.96 1.85 -4.69
N LEU C 169 -17.69 1.48 -3.63
CA LEU C 169 -19.00 2.10 -3.30
C LEU C 169 -18.80 3.58 -2.95
N ALA C 170 -17.77 3.87 -2.15
CA ALA C 170 -17.33 5.24 -1.78
C ALA C 170 -17.06 6.07 -3.03
N ARG C 171 -16.35 5.53 -4.02
CA ARG C 171 -16.12 6.21 -5.33
C ARG C 171 -17.46 6.49 -6.00
N GLN C 172 -18.31 5.47 -6.06
CA GLN C 172 -19.56 5.47 -6.88
C GLN C 172 -20.56 6.48 -6.31
N LEU C 173 -20.59 6.67 -4.98
CA LEU C 173 -21.64 7.47 -4.31
C LEU C 173 -21.09 8.85 -3.91
N LYS C 174 -19.83 9.15 -4.23
CA LYS C 174 -19.17 10.43 -3.90
C LYS C 174 -19.92 11.58 -4.57
N PRO C 175 -20.38 11.42 -5.83
CA PRO C 175 -21.24 12.43 -6.46
C PRO C 175 -22.54 12.73 -5.71
N GLU C 176 -23.07 11.79 -4.93
CA GLU C 176 -24.34 12.02 -4.19
C GLU C 176 -24.07 12.44 -2.75
N ASN C 177 -22.83 12.89 -2.46
CA ASN C 177 -22.39 13.30 -1.10
C ASN C 177 -22.76 12.23 -0.06
N PHE C 178 -22.54 10.94 -0.39
CA PHE C 178 -22.49 9.85 0.62
C PHE C 178 -21.12 9.88 1.29
N ILE C 179 -21.10 9.47 2.55
CA ILE C 179 -19.83 9.13 3.25
C ILE C 179 -19.82 7.63 3.51
N VAL C 180 -18.82 6.96 2.95
CA VAL C 180 -18.68 5.48 3.01
C VAL C 180 -17.34 5.17 3.69
N ALA C 181 -17.35 4.29 4.67
CA ALA C 181 -16.14 3.89 5.41
C ALA C 181 -16.17 2.41 5.77
N ALA C 182 -15.02 1.74 5.59
CA ALA C 182 -14.66 0.49 6.28
C ALA C 182 -13.99 0.87 7.60
N VAL C 183 -14.50 0.34 8.72
CA VAL C 183 -14.07 0.68 10.11
C VAL C 183 -13.70 -0.60 10.85
N HIS C 184 -12.48 -0.70 11.34
CA HIS C 184 -12.02 -1.76 12.26
C HIS C 184 -12.47 -1.39 13.68
N PRO C 185 -13.41 -2.15 14.30
CA PRO C 185 -14.01 -1.75 15.56
C PRO C 185 -13.09 -2.00 16.77
N GLY C 186 -11.92 -2.57 16.51
CA GLY C 186 -10.92 -2.95 17.51
C GLY C 186 -11.05 -4.42 17.83
N LYS C 187 -10.21 -4.90 18.74
CA LYS C 187 -10.28 -6.29 19.21
C LYS C 187 -11.03 -6.26 20.56
N VAL C 188 -12.30 -6.64 20.58
CA VAL C 188 -13.11 -6.64 21.82
C VAL C 188 -13.28 -8.07 22.33
N THR C 216 -3.88 -3.46 24.15
CA THR C 216 -4.42 -4.85 24.15
C THR C 216 -5.88 -4.83 23.67
N LYS C 217 -6.68 -5.85 24.01
CA LYS C 217 -8.11 -5.94 23.63
C LYS C 217 -8.86 -4.77 24.27
N ILE C 218 -10.05 -4.42 23.76
CA ILE C 218 -10.94 -3.39 24.37
C ILE C 218 -12.29 -4.03 24.65
N THR C 219 -13.17 -3.33 25.37
CA THR C 219 -14.54 -3.81 25.72
C THR C 219 -15.50 -3.33 24.63
N PRO C 220 -16.65 -4.01 24.47
CA PRO C 220 -17.72 -3.53 23.59
C PRO C 220 -18.03 -2.04 23.81
N GLU C 221 -18.11 -1.58 25.06
CA GLU C 221 -18.53 -0.19 25.42
C GLU C 221 -17.47 0.83 24.95
N GLU C 222 -16.18 0.54 25.14
CA GLU C 222 -15.04 1.36 24.59
C GLU C 222 -15.14 1.47 23.07
N SER C 223 -15.19 0.32 22.39
CA SER C 223 -15.34 0.20 20.91
C SER C 223 -16.51 1.08 20.47
N ALA C 224 -17.72 0.83 21.02
CA ALA C 224 -18.96 1.59 20.73
C ALA C 224 -18.68 3.08 20.78
N ALA C 225 -18.23 3.58 21.92
CA ALA C 225 -18.03 5.04 22.15
C ALA C 225 -17.07 5.60 21.08
N ALA C 226 -15.93 4.92 20.79
CA ALA C 226 -15.00 5.34 19.71
C ALA C 226 -15.77 5.35 18.37
N LEU C 227 -16.45 4.25 18.04
CA LEU C 227 -17.24 4.15 16.78
C LEU C 227 -18.24 5.31 16.67
N CYS C 228 -19.01 5.59 17.74
CA CYS C 228 -20.06 6.65 17.76
C CYS C 228 -19.40 8.02 17.49
N LYS C 229 -18.26 8.28 18.11
CA LYS C 229 -17.37 9.46 17.85
C LYS C 229 -17.03 9.51 16.35
N LEU C 230 -16.46 8.44 15.82
CA LEU C 230 -16.05 8.29 14.41
C LEU C 230 -17.27 8.54 13.52
N PHE C 231 -18.37 7.87 13.81
CA PHE C 231 -19.64 7.98 13.05
C PHE C 231 -20.00 9.46 12.93
N GLU C 232 -19.96 10.13 14.09
CA GLU C 232 -20.33 11.56 14.28
C GLU C 232 -19.50 12.43 13.34
N SER C 233 -18.18 12.35 13.44
CA SER C 233 -17.26 13.38 12.91
C SER C 233 -16.72 13.02 11.53
N LEU C 234 -17.01 11.84 10.98
CA LEU C 234 -16.38 11.45 9.68
C LEU C 234 -16.99 12.35 8.60
N ASN C 235 -16.16 13.13 7.92
CA ASN C 235 -16.60 14.16 6.95
C ASN C 235 -16.05 13.86 5.55
N THR C 236 -15.30 12.78 5.35
CA THR C 236 -14.82 12.37 4.01
C THR C 236 -15.09 10.89 3.80
N THR C 237 -15.31 10.55 2.54
CA THR C 237 -15.73 9.23 2.05
C THR C 237 -14.50 8.42 1.67
N GLY C 238 -14.67 7.10 1.52
CA GLY C 238 -13.66 6.20 0.95
C GLY C 238 -12.55 5.85 1.92
N LYS C 239 -12.72 6.09 3.20
CA LYS C 239 -11.68 5.86 4.24
C LYS C 239 -11.81 4.42 4.75
N TYR C 240 -10.67 3.84 5.12
CA TYR C 240 -10.50 2.58 5.89
C TYR C 240 -9.92 3.00 7.23
N LEU C 241 -10.70 2.92 8.29
CA LEU C 241 -10.38 3.57 9.59
C LEU C 241 -10.38 2.51 10.68
N SER C 242 -9.45 2.63 11.62
CA SER C 242 -9.50 1.93 12.93
C SER C 242 -10.48 2.72 13.79
N TYR C 243 -11.04 2.10 14.83
CA TYR C 243 -12.01 2.71 15.80
C TYR C 243 -11.44 3.99 16.42
N ASP C 244 -10.12 4.03 16.65
CA ASP C 244 -9.40 5.19 17.22
C ASP C 244 -9.38 6.33 16.19
N GLY C 245 -9.85 6.10 14.96
CA GLY C 245 -10.01 7.17 13.96
C GLY C 245 -8.75 7.40 13.15
N THR C 246 -7.71 6.57 13.29
CA THR C 246 -6.56 6.57 12.35
C THR C 246 -6.93 5.76 11.11
N GLU C 247 -6.18 5.95 10.04
CA GLU C 247 -6.37 5.29 8.74
C GLU C 247 -5.67 3.94 8.80
N LEU C 248 -6.24 2.97 8.10
CA LEU C 248 -5.55 1.69 7.76
C LEU C 248 -5.33 1.68 6.25
N PRO C 249 -4.24 1.02 5.80
CA PRO C 249 -4.01 0.81 4.37
C PRO C 249 -4.94 -0.29 3.86
N TRP C 250 -5.66 -0.06 2.76
CA TRP C 250 -6.45 -1.14 2.11
C TRP C 250 -5.50 -2.29 1.79
N GLU D 2 -12.39 36.52 -8.44
CA GLU D 2 -10.95 36.82 -8.66
C GLU D 2 -10.12 35.84 -7.80
N GLN D 3 -9.14 35.17 -8.42
CA GLN D 3 -8.26 34.13 -7.80
C GLN D 3 -6.79 34.43 -8.13
N THR D 4 -5.91 34.28 -7.14
CA THR D 4 -4.45 34.30 -7.38
C THR D 4 -3.94 32.85 -7.38
N TYR D 5 -3.33 32.45 -8.49
CA TYR D 5 -2.52 31.21 -8.61
C TYR D 5 -1.06 31.64 -8.40
N PHE D 6 -0.24 30.82 -7.71
CA PHE D 6 1.25 30.91 -7.68
C PHE D 6 1.83 29.64 -8.30
N ILE D 7 2.75 29.77 -9.27
CA ILE D 7 3.39 28.62 -9.96
C ILE D 7 4.92 28.83 -9.93
N SER D 8 5.68 27.90 -9.35
CA SER D 8 7.18 27.83 -9.45
C SER D 8 7.60 27.15 -10.76
N GLY D 9 8.70 27.62 -11.37
CA GLY D 9 9.24 27.08 -12.63
C GLY D 9 8.26 27.23 -13.79
N ALA D 10 7.93 28.47 -14.17
CA ALA D 10 6.92 28.79 -15.22
C ALA D 10 7.58 29.33 -16.50
N ASN D 11 8.91 29.28 -16.63
CA ASN D 11 9.65 29.81 -17.81
C ASN D 11 9.69 28.78 -18.94
N ARG D 12 9.55 27.49 -18.63
CA ARG D 12 9.45 26.41 -19.63
C ARG D 12 8.69 25.23 -19.01
N GLY D 13 8.38 24.21 -19.82
CA GLY D 13 7.80 22.93 -19.40
C GLY D 13 6.33 23.04 -19.02
N ILE D 14 5.83 22.09 -18.23
CA ILE D 14 4.42 22.08 -17.70
C ILE D 14 4.12 23.47 -17.11
N GLY D 15 5.03 24.02 -16.31
CA GLY D 15 4.83 25.29 -15.57
C GLY D 15 4.45 26.43 -16.50
N PHE D 16 5.18 26.58 -17.61
CA PHE D 16 4.84 27.57 -18.66
C PHE D 16 3.43 27.28 -19.22
N SER D 17 3.16 26.03 -19.58
CA SER D 17 1.88 25.62 -20.20
C SER D 17 0.73 25.90 -19.24
N VAL D 18 0.94 25.71 -17.94
CA VAL D 18 -0.10 25.96 -16.89
C VAL D 18 -0.35 27.47 -16.83
N VAL D 19 0.71 28.28 -16.82
CA VAL D 19 0.60 29.77 -16.76
C VAL D 19 -0.08 30.32 -18.03
N GLN D 20 0.23 29.76 -19.20
CA GLN D 20 -0.33 30.10 -20.54
C GLN D 20 -1.86 29.95 -20.51
N ARG D 21 -2.33 28.85 -19.93
CA ARG D 21 -3.76 28.44 -19.83
C ARG D 21 -4.48 29.38 -18.85
N LEU D 22 -3.89 29.63 -17.67
CA LEU D 22 -4.47 30.51 -16.62
C LEU D 22 -4.58 31.96 -17.14
N ALA D 23 -3.62 32.42 -17.96
CA ALA D 23 -3.55 33.80 -18.51
C ALA D 23 -4.68 34.06 -19.52
N ALA D 24 -5.26 33.00 -20.08
CA ALA D 24 -6.46 33.04 -20.94
C ALA D 24 -7.70 33.04 -20.06
N LYS D 25 -7.60 32.58 -18.80
CA LYS D 25 -8.73 32.41 -17.85
C LYS D 25 -9.19 33.78 -17.34
N SER D 26 -10.51 33.96 -17.29
CA SER D 26 -11.22 35.18 -16.83
C SER D 26 -10.86 35.43 -15.36
N GLY D 27 -10.45 36.66 -15.04
CA GLY D 27 -10.24 37.13 -13.66
C GLY D 27 -9.31 36.21 -12.87
N VAL D 28 -8.12 35.91 -13.42
CA VAL D 28 -7.05 35.13 -12.72
C VAL D 28 -5.74 35.92 -12.73
N LYS D 29 -5.21 36.19 -11.54
CA LYS D 29 -3.82 36.72 -11.34
C LYS D 29 -2.90 35.53 -11.13
N VAL D 30 -1.69 35.61 -11.68
CA VAL D 30 -0.69 34.51 -11.73
C VAL D 30 0.67 35.08 -11.37
N ILE D 31 1.19 34.67 -10.22
CA ILE D 31 2.63 34.82 -9.85
C ILE D 31 3.32 33.60 -10.44
N ALA D 32 4.19 33.80 -11.44
CA ALA D 32 5.00 32.77 -12.11
C ALA D 32 6.45 33.05 -11.71
N THR D 33 7.22 32.03 -11.39
CA THR D 33 8.63 32.18 -10.99
C THR D 33 9.55 31.55 -12.05
N ALA D 34 10.72 32.15 -12.20
CA ALA D 34 11.86 31.62 -12.96
C ALA D 34 13.11 31.88 -12.12
N ARG D 35 14.04 30.91 -12.11
CA ARG D 35 15.41 31.10 -11.59
C ARG D 35 15.92 32.46 -12.06
N ASP D 36 15.78 32.72 -13.36
CA ASP D 36 16.33 33.93 -14.04
C ASP D 36 15.23 34.58 -14.87
N PRO D 37 14.45 35.51 -14.27
CA PRO D 37 13.36 36.17 -15.01
C PRO D 37 13.86 36.78 -16.33
N ALA D 38 15.12 37.22 -16.35
CA ALA D 38 15.75 38.05 -17.42
C ALA D 38 16.05 37.23 -18.67
N SER D 39 15.93 35.91 -18.62
CA SER D 39 16.10 35.02 -19.80
C SER D 39 14.91 34.07 -19.92
N ALA D 40 13.81 34.32 -19.19
CA ALA D 40 12.55 33.57 -19.32
C ALA D 40 11.69 34.25 -20.39
N THR D 41 12.21 34.36 -21.62
CA THR D 41 11.71 35.29 -22.66
C THR D 41 10.27 34.92 -23.07
N ALA D 42 9.95 33.63 -23.21
CA ALA D 42 8.56 33.18 -23.48
C ALA D 42 7.65 33.73 -22.39
N LEU D 43 8.09 33.66 -21.13
CA LEU D 43 7.23 34.00 -19.97
C LEU D 43 7.14 35.53 -19.84
N ASN D 44 8.22 36.25 -20.14
CA ASN D 44 8.23 37.74 -20.11
C ASN D 44 7.25 38.26 -21.18
N GLU D 45 7.35 37.78 -22.43
CA GLU D 45 6.35 38.03 -23.52
C GLU D 45 4.95 37.60 -23.08
N LEU D 46 4.82 36.46 -22.40
CA LEU D 46 3.51 35.99 -21.87
C LEU D 46 2.89 37.04 -20.95
N ALA D 47 3.69 37.62 -20.03
CA ALA D 47 3.28 38.61 -19.01
C ALA D 47 3.12 40.00 -19.64
N LYS D 48 3.95 40.34 -20.64
CA LYS D 48 3.79 41.56 -21.48
C LYS D 48 2.41 41.51 -22.13
N GLU D 49 2.08 40.41 -22.80
CA GLU D 49 0.76 40.20 -23.49
C GLU D 49 -0.37 39.93 -22.49
N ASN D 50 -0.07 39.47 -21.27
CA ASN D 50 -1.11 39.20 -20.25
C ASN D 50 -0.61 39.70 -18.90
N PRO D 51 -0.67 41.03 -18.60
CA PRO D 51 0.00 41.57 -17.42
C PRO D 51 -0.61 41.12 -16.08
N GLN D 52 -1.76 40.43 -16.10
CA GLN D 52 -2.29 39.69 -14.93
C GLN D 52 -1.26 38.65 -14.48
N VAL D 53 -0.39 38.23 -15.40
CA VAL D 53 0.76 37.32 -15.12
C VAL D 53 1.90 38.17 -14.53
N LYS D 54 2.38 37.80 -13.35
CA LYS D 54 3.53 38.48 -12.68
C LYS D 54 4.71 37.52 -12.65
N VAL D 55 5.88 37.97 -13.08
CA VAL D 55 7.13 37.15 -13.14
C VAL D 55 8.08 37.61 -12.04
N VAL D 56 8.38 36.73 -11.10
CA VAL D 56 9.24 37.00 -9.90
C VAL D 56 10.36 35.95 -9.93
N GLN D 57 11.48 36.26 -9.28
CA GLN D 57 12.68 35.40 -9.20
C GLN D 57 12.42 34.36 -8.12
N LEU D 58 12.69 33.08 -8.41
CA LEU D 58 12.72 31.99 -7.39
C LEU D 58 13.72 30.93 -7.82
N ASP D 59 14.68 30.64 -6.96
CA ASP D 59 15.55 29.45 -7.06
C ASP D 59 15.24 28.59 -5.84
N ILE D 60 14.42 27.54 -5.98
CA ILE D 60 14.01 26.69 -4.81
C ILE D 60 15.20 25.94 -4.21
N SER D 61 16.34 25.84 -4.91
CA SER D 61 17.61 25.27 -4.40
C SER D 61 18.36 26.29 -3.55
N ASP D 62 17.91 27.54 -3.53
CA ASP D 62 18.70 28.66 -2.97
C ASP D 62 17.89 29.26 -1.83
N GLU D 63 18.29 29.00 -0.59
CA GLU D 63 17.59 29.46 0.63
C GLU D 63 17.49 31.01 0.62
N GLU D 64 18.51 31.73 0.14
CA GLU D 64 18.48 33.22 0.03
C GLU D 64 17.33 33.65 -0.90
N SER D 65 17.07 32.88 -1.96
CA SER D 65 16.02 33.15 -2.97
C SER D 65 14.63 32.89 -2.37
N ILE D 66 14.50 31.81 -1.59
CA ILE D 66 13.27 31.41 -0.86
C ILE D 66 13.00 32.42 0.26
N LYS D 67 14.05 32.99 0.89
CA LYS D 67 13.88 33.97 2.00
C LYS D 67 13.21 35.24 1.48
N LYS D 68 13.21 35.46 0.15
CA LYS D 68 12.65 36.68 -0.47
C LYS D 68 11.29 36.43 -1.10
N ILE D 69 10.79 35.18 -1.16
CA ILE D 69 9.65 34.89 -2.10
C ILE D 69 8.37 35.57 -1.59
N ALA D 70 8.10 35.60 -0.27
CA ALA D 70 6.83 36.15 0.28
C ALA D 70 6.77 37.66 0.01
N LYS D 71 7.91 38.37 0.11
CA LYS D 71 8.03 39.83 -0.19
C LYS D 71 7.84 40.01 -1.70
N ASN D 72 8.55 39.21 -2.50
CA ASN D 72 8.48 39.17 -3.99
C ASN D 72 7.03 38.92 -4.42
N VAL D 73 6.37 37.90 -3.87
CA VAL D 73 4.95 37.61 -4.16
C VAL D 73 4.06 38.75 -3.63
N SER D 74 4.36 39.28 -2.43
CA SER D 74 3.52 40.30 -1.76
C SER D 74 3.44 41.59 -2.59
N GLN D 75 4.47 41.94 -3.37
CA GLN D 75 4.42 43.06 -4.34
C GLN D 75 3.09 43.07 -5.10
N TYR D 76 2.51 41.91 -5.46
CA TYR D 76 1.44 41.80 -6.48
C TYR D 76 0.10 41.33 -5.90
N THR D 77 0.07 40.81 -4.67
CA THR D 77 -1.14 40.14 -4.14
C THR D 77 -1.14 40.10 -2.61
N ASP D 78 -2.33 40.29 -2.03
CA ASP D 78 -2.70 40.07 -0.62
C ASP D 78 -2.76 38.56 -0.30
N SER D 79 -2.90 37.69 -1.31
CA SER D 79 -3.19 36.24 -1.06
C SER D 79 -2.84 35.33 -2.25
N ILE D 80 -2.70 34.04 -1.93
CA ILE D 80 -2.59 32.94 -2.93
C ILE D 80 -3.79 32.02 -2.72
N ASP D 81 -4.61 31.84 -3.76
CA ASP D 81 -5.75 30.88 -3.76
C ASP D 81 -5.27 29.45 -4.03
N VAL D 82 -4.42 29.30 -5.03
CA VAL D 82 -3.93 27.99 -5.49
C VAL D 82 -2.41 28.15 -5.59
N PHE D 83 -1.70 27.33 -4.82
CA PHE D 83 -0.22 27.29 -4.74
C PHE D 83 0.21 26.02 -5.48
N VAL D 84 1.17 26.16 -6.38
CA VAL D 84 1.69 25.00 -7.13
C VAL D 84 3.20 25.00 -7.00
N SER D 85 3.74 24.04 -6.24
CA SER D 85 5.19 23.70 -6.26
C SER D 85 5.46 22.79 -7.47
N ASN D 86 5.91 23.39 -8.55
CA ASN D 86 6.11 22.72 -9.86
C ASN D 86 7.61 22.61 -10.09
N ALA D 87 8.33 23.72 -9.92
CA ALA D 87 9.80 23.76 -10.10
C ALA D 87 10.40 22.58 -9.33
N ALA D 88 11.42 21.94 -9.92
CA ALA D 88 12.00 20.66 -9.47
C ALA D 88 13.00 20.20 -10.50
N ILE D 89 13.89 19.30 -10.09
CA ILE D 89 14.90 18.69 -10.98
C ILE D 89 14.65 17.19 -11.03
N ALA D 90 15.26 16.54 -12.01
CA ALA D 90 15.15 15.10 -12.29
C ALA D 90 16.43 14.74 -13.04
N LYS D 91 17.53 14.62 -12.33
CA LYS D 91 18.89 14.55 -12.93
C LYS D 91 19.53 13.18 -12.64
N SER D 92 19.01 12.41 -11.70
CA SER D 92 19.72 11.20 -11.19
C SER D 92 18.75 10.03 -11.17
N PHE D 93 19.08 8.96 -11.90
CA PHE D 93 18.32 7.69 -11.90
C PHE D 93 19.30 6.54 -11.70
N GLY D 94 18.79 5.33 -11.69
CA GLY D 94 19.62 4.10 -11.73
C GLY D 94 20.15 3.72 -10.34
N PRO D 95 21.07 2.74 -10.27
CA PRO D 95 21.45 2.13 -9.00
C PRO D 95 21.95 3.11 -7.93
N LEU D 96 21.71 2.72 -6.67
CA LEU D 96 22.24 3.37 -5.44
C LEU D 96 23.77 3.48 -5.47
N LEU D 97 24.48 2.36 -5.68
CA LEU D 97 25.97 2.32 -5.65
C LEU D 97 26.56 3.33 -6.65
N ASN D 98 25.80 3.68 -7.70
CA ASN D 98 26.23 4.49 -8.86
C ASN D 98 25.77 5.94 -8.63
N THR D 99 25.00 6.21 -7.59
CA THR D 99 24.48 7.59 -7.33
C THR D 99 25.45 8.29 -6.37
N PRO D 100 26.26 9.24 -6.89
CA PRO D 100 27.18 10.02 -6.05
C PRO D 100 26.46 10.94 -5.06
N ARG D 101 27.18 11.28 -4.00
CA ARG D 101 26.75 12.13 -2.86
C ARG D 101 25.99 13.37 -3.35
N GLU D 102 26.55 14.13 -4.29
CA GLU D 102 25.96 15.42 -4.74
C GLU D 102 24.59 15.23 -5.35
N GLN D 103 24.32 14.09 -6.01
CA GLN D 103 23.00 13.88 -6.67
C GLN D 103 21.98 13.71 -5.54
N TRP D 104 22.32 12.96 -4.50
CA TRP D 104 21.39 12.74 -3.35
C TRP D 104 21.17 14.08 -2.69
N ILE D 105 22.25 14.85 -2.50
CA ILE D 105 22.19 16.18 -1.84
C ILE D 105 21.34 17.11 -2.70
N GLU D 106 21.70 17.31 -3.98
CA GLU D 106 20.98 18.30 -4.85
C GLU D 106 19.49 17.93 -4.90
N HIS D 107 19.14 16.65 -5.05
CA HIS D 107 17.71 16.27 -5.15
C HIS D 107 17.03 16.54 -3.82
N PHE D 108 17.70 16.38 -2.68
CA PHE D 108 17.02 16.71 -1.40
C PHE D 108 16.74 18.22 -1.33
N PHE D 109 17.73 19.06 -1.62
CA PHE D 109 17.66 20.53 -1.40
C PHE D 109 16.67 21.16 -2.38
N THR D 110 16.71 20.72 -3.64
CA THR D 110 15.88 21.25 -4.74
C THR D 110 14.48 20.65 -4.61
N ASN D 111 14.39 19.34 -4.39
CA ASN D 111 13.10 18.62 -4.60
C ASN D 111 12.36 18.38 -3.30
N VAL D 112 12.98 18.59 -2.13
CA VAL D 112 12.29 18.31 -0.83
C VAL D 112 12.28 19.59 0.02
N LEU D 113 13.45 20.12 0.39
CA LEU D 113 13.57 21.29 1.29
C LEU D 113 12.97 22.51 0.58
N GLY D 114 13.41 22.73 -0.66
CA GLY D 114 12.88 23.81 -1.52
C GLY D 114 11.36 23.94 -1.37
N PRO D 115 10.57 22.96 -1.83
CA PRO D 115 9.11 23.00 -1.69
C PRO D 115 8.57 23.19 -0.26
N ILE D 116 9.23 22.61 0.73
CA ILE D 116 8.81 22.74 2.15
C ILE D 116 9.05 24.20 2.60
N ARG D 117 10.20 24.76 2.27
CA ARG D 117 10.56 26.15 2.66
C ARG D 117 9.66 27.12 1.91
N LEU D 118 9.43 26.86 0.62
CA LEU D 118 8.54 27.65 -0.27
C LEU D 118 7.15 27.76 0.34
N PHE D 119 6.54 26.63 0.68
CA PHE D 119 5.21 26.56 1.31
C PHE D 119 5.25 27.26 2.68
N GLN D 120 6.33 27.08 3.46
CA GLN D 120 6.43 27.73 4.79
C GLN D 120 6.32 29.25 4.58
N GLU D 121 6.96 29.79 3.52
CA GLU D 121 7.06 31.25 3.25
C GLU D 121 5.73 31.82 2.72
N LEU D 122 4.98 31.02 1.96
CA LEU D 122 3.75 31.49 1.26
C LEU D 122 2.49 31.05 2.03
N TYR D 123 2.64 30.37 3.14
CA TYR D 123 1.45 29.85 3.87
C TYR D 123 0.64 31.02 4.37
N PRO D 124 1.26 32.08 4.97
CA PRO D 124 0.49 33.24 5.42
C PRO D 124 -0.38 33.82 4.28
N LEU D 125 0.18 33.99 3.07
CA LEU D 125 -0.62 34.47 1.90
C LEU D 125 -1.65 33.43 1.46
N ILE D 126 -1.33 32.13 1.49
CA ILE D 126 -2.31 31.04 1.15
C ILE D 126 -3.43 31.02 2.20
N LYS D 127 -3.08 31.22 3.48
CA LYS D 127 -4.03 31.23 4.62
C LYS D 127 -5.06 32.34 4.40
N LYS D 128 -4.62 33.49 3.87
CA LYS D 128 -5.44 34.72 3.61
C LYS D 128 -6.31 34.54 2.35
N GLY D 129 -6.05 33.55 1.49
CA GLY D 129 -6.80 33.33 0.25
C GLY D 129 -8.06 32.51 0.47
N THR D 130 -8.92 32.39 -0.55
CA THR D 130 -10.25 31.73 -0.43
C THR D 130 -10.11 30.23 -0.61
N GLN D 131 -9.33 29.80 -1.61
CA GLN D 131 -9.32 28.39 -2.12
C GLN D 131 -8.47 27.51 -1.21
N LYS D 132 -7.37 28.04 -0.65
CA LYS D 132 -6.50 27.29 0.29
C LYS D 132 -6.14 25.95 -0.37
N LYS D 133 -5.71 25.97 -1.63
CA LYS D 133 -5.39 24.74 -2.40
C LYS D 133 -3.89 24.63 -2.61
N VAL D 134 -3.32 23.49 -2.21
CA VAL D 134 -1.85 23.31 -2.19
C VAL D 134 -1.52 22.07 -3.01
N PHE D 135 -0.79 22.28 -4.10
CA PHE D 135 -0.37 21.24 -5.07
C PHE D 135 1.15 21.19 -5.07
N PHE D 136 1.68 20.03 -4.72
CA PHE D 136 3.08 19.64 -4.99
C PHE D 136 3.08 18.73 -6.18
N ILE D 137 3.67 19.20 -7.27
CA ILE D 137 3.93 18.37 -8.47
C ILE D 137 4.95 17.31 -8.06
N SER D 138 4.49 16.07 -7.97
CA SER D 138 5.24 14.90 -7.53
C SER D 138 5.56 14.11 -8.81
N SER D 139 5.89 12.84 -8.68
CA SER D 139 5.99 11.87 -9.79
C SER D 139 5.40 10.56 -9.31
N ASN D 140 4.96 9.73 -10.25
CA ASN D 140 4.53 8.35 -9.91
C ASN D 140 5.77 7.58 -9.46
N ALA D 141 6.98 7.99 -9.88
CA ALA D 141 8.25 7.33 -9.46
C ALA D 141 8.45 7.50 -7.96
N GLY D 142 7.75 8.46 -7.36
CA GLY D 142 7.82 8.74 -5.91
C GLY D 142 7.06 7.71 -5.08
N SER D 143 6.14 6.91 -5.67
CA SER D 143 5.33 5.94 -4.89
C SER D 143 6.27 4.93 -4.23
N LEU D 144 5.95 4.52 -3.02
CA LEU D 144 6.66 3.36 -2.39
C LEU D 144 6.01 2.05 -2.80
N ASN D 145 4.95 2.05 -3.64
CA ASN D 145 4.13 0.85 -3.91
C ASN D 145 3.82 0.69 -5.41
N LEU D 146 4.70 1.18 -6.26
CA LEU D 146 4.64 1.04 -7.72
C LEU D 146 6.01 0.57 -8.17
N ASP D 147 6.04 -0.28 -9.20
CA ASP D 147 7.29 -0.80 -9.79
C ASP D 147 7.20 -0.63 -11.31
N PHE D 148 7.98 0.30 -11.86
CA PHE D 148 7.98 0.63 -13.30
C PHE D 148 9.07 -0.16 -14.01
N GLY D 149 9.74 -1.08 -13.30
CA GLY D 149 10.95 -1.77 -13.76
C GLY D 149 12.09 -0.79 -13.99
N LEU D 150 12.10 0.32 -13.27
CA LEU D 150 13.21 1.31 -13.29
C LEU D 150 13.61 1.63 -11.85
N ASP D 151 14.88 2.02 -11.67
CA ASP D 151 15.37 2.71 -10.45
C ASP D 151 15.40 4.21 -10.72
N PHE D 152 14.98 4.99 -9.72
CA PHE D 152 14.85 6.47 -9.81
C PHE D 152 15.84 7.20 -8.88
N SER D 153 16.63 6.46 -8.09
CA SER D 153 17.81 7.04 -7.38
C SER D 153 17.35 8.25 -6.56
N ALA D 154 18.11 9.35 -6.60
CA ALA D 154 17.85 10.60 -5.84
C ALA D 154 16.53 11.22 -6.26
N PHE D 155 16.18 11.17 -7.55
CA PHE D 155 14.89 11.74 -8.06
C PHE D 155 13.71 11.09 -7.35
N GLY D 156 13.61 9.77 -7.41
CA GLY D 156 12.51 9.01 -6.81
C GLY D 156 12.50 9.20 -5.31
N GLN D 157 13.67 9.07 -4.67
CA GLN D 157 13.78 9.29 -3.20
C GLN D 157 13.17 10.66 -2.84
N SER D 158 13.55 11.73 -3.55
CA SER D 158 13.15 13.15 -3.28
C SER D 158 11.63 13.31 -3.42
N LYS D 159 11.03 12.71 -4.44
CA LYS D 159 9.56 12.78 -4.64
C LYS D 159 8.85 12.01 -3.52
N ALA D 160 9.39 10.85 -3.13
CA ALA D 160 8.88 10.02 -2.01
C ALA D 160 9.01 10.82 -0.71
N ALA D 161 10.20 11.38 -0.45
CA ALA D 161 10.43 12.28 0.71
C ALA D 161 9.35 13.36 0.74
N LEU D 162 9.23 14.18 -0.31
CA LEU D 162 8.23 15.28 -0.33
C LEU D 162 6.82 14.69 -0.17
N ASN D 163 6.57 13.54 -0.81
CA ASN D 163 5.27 12.80 -0.69
C ASN D 163 4.99 12.52 0.78
N TYR D 164 5.96 12.05 1.57
CA TYR D 164 5.71 11.77 3.00
C TYR D 164 5.17 13.05 3.66
N SER D 165 5.90 14.15 3.51
CA SER D 165 5.63 15.47 4.14
C SER D 165 4.32 16.07 3.62
N THR D 166 4.09 15.93 2.31
CA THR D 166 2.84 16.39 1.68
C THR D 166 1.69 15.75 2.46
N LYS D 167 1.73 14.43 2.66
CA LYS D 167 0.65 13.66 3.34
C LYS D 167 0.48 14.19 4.76
N GLU D 168 1.58 14.40 5.46
CA GLU D 168 1.60 15.00 6.81
C GLU D 168 0.95 16.40 6.78
N LEU D 169 1.34 17.25 5.83
CA LEU D 169 0.86 18.67 5.71
C LEU D 169 -0.67 18.66 5.55
N ALA D 170 -1.20 17.77 4.70
CA ALA D 170 -2.63 17.51 4.48
C ALA D 170 -3.34 17.18 5.80
N ARG D 171 -2.84 16.21 6.59
CA ARG D 171 -3.36 15.90 7.94
C ARG D 171 -3.36 17.18 8.78
N GLN D 172 -2.22 17.87 8.84
CA GLN D 172 -1.99 19.07 9.71
C GLN D 172 -2.97 20.20 9.36
N LEU D 173 -3.18 20.49 8.07
CA LEU D 173 -3.94 21.70 7.63
C LEU D 173 -5.41 21.38 7.34
N LYS D 174 -5.82 20.11 7.45
CA LYS D 174 -7.22 19.67 7.17
C LYS D 174 -8.19 20.57 7.94
N PRO D 175 -7.98 20.83 9.24
CA PRO D 175 -8.95 21.59 10.03
C PRO D 175 -8.84 23.11 9.77
N GLU D 176 -7.87 23.54 8.95
CA GLU D 176 -7.78 24.93 8.44
C GLU D 176 -8.37 24.98 7.03
N ASN D 177 -9.03 23.90 6.61
CA ASN D 177 -9.79 23.77 5.34
C ASN D 177 -8.87 23.90 4.12
N PHE D 178 -7.60 23.54 4.27
CA PHE D 178 -6.66 23.39 3.12
C PHE D 178 -6.95 22.08 2.38
N ILE D 179 -6.74 22.15 1.08
CA ILE D 179 -6.72 21.01 0.13
C ILE D 179 -5.28 20.87 -0.32
N VAL D 180 -4.63 19.82 0.18
CA VAL D 180 -3.21 19.50 -0.11
C VAL D 180 -3.18 18.24 -0.95
N ALA D 181 -2.41 18.25 -2.04
CA ALA D 181 -2.36 17.15 -3.01
C ALA D 181 -0.94 17.00 -3.55
N ALA D 182 -0.50 15.74 -3.64
CA ALA D 182 0.63 15.28 -4.47
C ALA D 182 0.06 14.89 -5.85
N VAL D 183 0.55 15.49 -6.94
CA VAL D 183 -0.01 15.32 -8.30
C VAL D 183 1.10 14.95 -9.27
N HIS D 184 1.04 13.74 -9.83
CA HIS D 184 1.86 13.30 -10.99
C HIS D 184 1.32 13.96 -12.26
N PRO D 185 2.10 14.83 -12.93
CA PRO D 185 1.62 15.54 -14.11
C PRO D 185 1.63 14.71 -15.41
N GLY D 186 2.05 13.45 -15.32
CA GLY D 186 2.20 12.55 -16.47
C GLY D 186 3.63 12.62 -16.97
N LYS D 187 3.99 11.77 -17.93
CA LYS D 187 5.32 11.82 -18.58
C LYS D 187 5.17 12.73 -19.81
N VAL D 188 5.77 13.91 -19.73
CA VAL D 188 5.51 15.04 -20.68
C VAL D 188 6.66 15.12 -21.69
N THR D 189 6.37 15.60 -22.91
CA THR D 189 7.36 15.96 -23.98
C THR D 189 7.97 17.34 -23.68
N THR D 216 2.69 6.31 -21.23
CA THR D 216 2.71 6.94 -22.59
C THR D 216 3.16 8.39 -22.46
N LYS D 217 3.86 8.90 -23.49
CA LYS D 217 4.30 10.30 -23.58
C LYS D 217 3.10 11.22 -23.80
N ILE D 218 3.03 12.36 -23.10
CA ILE D 218 2.01 13.42 -23.38
C ILE D 218 2.70 14.78 -23.57
N THR D 219 1.96 15.77 -24.09
CA THR D 219 2.45 17.14 -24.41
C THR D 219 2.39 17.99 -23.15
N PRO D 220 3.29 18.98 -22.99
CA PRO D 220 3.21 19.96 -21.90
C PRO D 220 1.82 20.60 -21.78
N GLU D 221 1.16 20.87 -22.91
CA GLU D 221 -0.16 21.56 -22.93
C GLU D 221 -1.26 20.58 -22.48
N GLU D 222 -1.14 19.28 -22.81
CA GLU D 222 -2.06 18.21 -22.33
C GLU D 222 -1.95 18.09 -20.81
N SER D 223 -0.72 18.06 -20.29
CA SER D 223 -0.42 18.00 -18.83
C SER D 223 -1.09 19.19 -18.13
N ALA D 224 -0.79 20.40 -18.59
CA ALA D 224 -1.36 21.68 -18.14
C ALA D 224 -2.88 21.58 -18.11
N ALA D 225 -3.51 21.23 -19.24
CA ALA D 225 -4.98 21.18 -19.38
C ALA D 225 -5.57 20.30 -18.27
N ALA D 226 -5.03 19.08 -18.14
CA ALA D 226 -5.46 18.08 -17.13
C ALA D 226 -5.16 18.58 -15.71
N LEU D 227 -4.07 19.32 -15.50
CA LEU D 227 -3.68 19.85 -14.16
C LEU D 227 -4.62 20.97 -13.73
N CYS D 228 -4.84 21.96 -14.60
CA CYS D 228 -5.76 23.10 -14.33
C CYS D 228 -7.15 22.60 -13.94
N LYS D 229 -7.59 21.49 -14.56
CA LYS D 229 -8.90 20.83 -14.33
C LYS D 229 -8.94 20.23 -12.91
N LEU D 230 -7.87 19.51 -12.54
CA LEU D 230 -7.64 18.90 -11.22
C LEU D 230 -7.58 20.00 -10.16
N PHE D 231 -6.82 21.06 -10.43
CA PHE D 231 -6.63 22.23 -9.52
C PHE D 231 -7.99 22.83 -9.15
N GLU D 232 -8.91 22.87 -10.11
CA GLU D 232 -10.19 23.60 -9.93
C GLU D 232 -11.21 22.67 -9.27
N SER D 233 -11.27 21.40 -9.67
CA SER D 233 -12.29 20.43 -9.20
C SER D 233 -11.86 19.79 -7.86
N LEU D 234 -10.57 19.63 -7.58
CA LEU D 234 -10.18 18.89 -6.35
C LEU D 234 -10.83 19.55 -5.12
N ASN D 235 -11.66 18.76 -4.44
CA ASN D 235 -12.49 19.21 -3.28
C ASN D 235 -11.94 18.63 -1.97
N THR D 236 -11.29 17.43 -1.94
CA THR D 236 -10.78 16.76 -0.70
C THR D 236 -9.25 16.81 -0.64
N THR D 237 -8.71 16.84 0.58
CA THR D 237 -7.25 16.91 0.88
C THR D 237 -6.66 15.50 1.07
N GLY D 238 -5.33 15.44 1.15
CA GLY D 238 -4.54 14.23 1.45
C GLY D 238 -4.43 13.28 0.28
N LYS D 239 -4.71 13.70 -0.95
CA LYS D 239 -4.76 12.76 -2.10
C LYS D 239 -3.40 12.78 -2.80
N TYR D 240 -3.07 11.66 -3.42
CA TYR D 240 -1.91 11.45 -4.30
C TYR D 240 -2.49 11.13 -5.68
N LEU D 241 -2.46 12.09 -6.61
CA LEU D 241 -3.23 11.94 -7.87
C LEU D 241 -2.29 11.97 -9.05
N SER D 242 -2.70 11.27 -10.11
CA SER D 242 -2.20 11.43 -11.49
C SER D 242 -2.97 12.59 -12.15
N TYR D 243 -2.42 13.15 -13.22
CA TYR D 243 -3.01 14.24 -14.04
C TYR D 243 -4.51 13.98 -14.39
N ASP D 244 -4.89 12.74 -14.70
CA ASP D 244 -6.29 12.37 -15.09
C ASP D 244 -7.21 12.45 -13.87
N GLY D 245 -6.67 12.43 -12.65
CA GLY D 245 -7.49 12.52 -11.43
C GLY D 245 -7.73 11.15 -10.83
N THR D 246 -7.08 10.09 -11.35
CA THR D 246 -7.05 8.79 -10.65
C THR D 246 -6.09 8.89 -9.45
N GLU D 247 -6.40 8.15 -8.39
CA GLU D 247 -5.53 8.02 -7.20
C GLU D 247 -4.30 7.17 -7.54
N LEU D 248 -3.18 7.52 -6.91
CA LEU D 248 -1.94 6.72 -6.86
C LEU D 248 -1.76 6.24 -5.44
N PRO D 249 -1.22 5.02 -5.22
CA PRO D 249 -0.83 4.59 -3.87
C PRO D 249 0.42 5.37 -3.39
N TRP D 250 0.37 5.81 -2.15
CA TRP D 250 1.56 6.37 -1.47
C TRP D 250 2.64 5.28 -1.44
#